data_3CSW
#
_entry.id   3CSW
#
_cell.length_a   107.710
_cell.length_b   129.760
_cell.length_c   298.690
_cell.angle_alpha   90.000
_cell.angle_beta   90.000
_cell.angle_gamma   90.000
#
_symmetry.space_group_name_H-M   'I 21 21 21'
#
loop_
_entity.id
_entity.type
_entity.pdbx_description
1 polymer 'Putative branched-chain-amino-acid aminotransferase'
2 non-polymer "PYRIDOXAL-5'-PHOSPHATE"
3 non-polymer 'UNKNOWN LIGAND'
4 non-polymer 'CITRIC ACID'
5 non-polymer (4S)-2-METHYL-2,4-PENTANEDIOL
6 non-polymer 'CHLORIDE ION'
7 water water
#
_entity_poly.entity_id   1
_entity_poly.type   'polypeptide(L)'
_entity_poly.pdbx_seq_one_letter_code
;(MSE)GSDKIHHHHHHVLIWWRGKFRRADEISLDFSLFEKSLQGAVYETLRTYSRAPFAAYKHYTRLKRSADFFNLPLSL
SFDEFTKVLKAGADEFKQEVRIKVYLFPDSGEVLFVFSPLNIPDLETGVEVKISNVRRIPDLSTPPALKITGRTDIVLAR
REIVDCYDVILLGLNGQVCEGSFSNVFLVKEGKLITPSLDSGILDGITRENVIKLAKSLEIPVEERVVWVWELFEADE
(MSE)FLTHTSAGVVPVRRLNEHSFFEEEPGPVTATL(MSE)ENFEPFVLNLEENWVGI
;
_entity_poly.pdbx_strand_id   A,B,C,D
#
loop_
_chem_comp.id
_chem_comp.type
_chem_comp.name
_chem_comp.formula
CIT non-polymer 'CITRIC ACID' 'C6 H8 O7'
CL non-polymer 'CHLORIDE ION' 'Cl -1'
MPD non-polymer (4S)-2-METHYL-2,4-PENTANEDIOL 'C6 H14 O2'
PLP non-polymer PYRIDOXAL-5'-PHOSPHATE 'C8 H10 N O6 P'
UNL non-polymer 'UNKNOWN LIGAND' ?
#
# COMPACT_ATOMS: atom_id res chain seq x y z
N HIS A 12 14.14 -2.54 14.02
CA HIS A 12 14.56 -3.30 15.23
C HIS A 12 13.38 -3.47 16.24
N VAL A 13 12.45 -4.39 15.93
CA VAL A 13 11.24 -4.64 16.73
C VAL A 13 11.26 -6.00 17.48
N LEU A 14 11.19 -5.96 18.82
CA LEU A 14 11.20 -7.15 19.68
C LEU A 14 9.80 -7.44 20.22
N ILE A 15 9.44 -8.71 20.38
CA ILE A 15 8.16 -9.08 20.98
C ILE A 15 8.37 -10.11 22.08
N TRP A 16 7.49 -10.08 23.08
CA TRP A 16 7.43 -11.11 24.09
C TRP A 16 6.09 -11.79 23.88
N TRP A 17 6.13 -13.10 23.65
CA TRP A 17 4.96 -13.86 23.28
C TRP A 17 5.15 -15.30 23.75
N ARG A 18 4.17 -15.83 24.47
CA ARG A 18 4.18 -17.20 24.96
C ARG A 18 5.50 -17.54 25.66
N GLY A 19 5.85 -16.73 26.66
CA GLY A 19 6.99 -17.01 27.52
C GLY A 19 8.40 -16.71 27.02
N LYS A 20 8.57 -16.19 25.80
CA LYS A 20 9.92 -15.98 25.26
C LYS A 20 9.98 -14.70 24.45
N PHE A 21 11.14 -14.01 24.48
CA PHE A 21 11.35 -12.85 23.62
C PHE A 21 11.61 -13.37 22.21
N ARG A 22 11.27 -12.56 21.20
CA ARG A 22 11.32 -13.02 19.81
C ARG A 22 11.42 -11.84 18.82
N ARG A 23 11.89 -12.15 17.61
CA ARG A 23 11.91 -11.19 16.49
C ARG A 23 10.48 -10.97 15.99
N ALA A 24 10.19 -9.76 15.53
CA ALA A 24 8.84 -9.41 15.10
C ALA A 24 8.62 -9.57 13.60
N ASP A 25 9.19 -10.62 13.03
CA ASP A 25 9.06 -10.86 11.59
C ASP A 25 7.77 -11.63 11.36
N GLU A 26 7.67 -12.78 12.02
CA GLU A 26 6.52 -13.67 11.91
C GLU A 26 5.95 -13.89 13.30
N ILE A 27 4.67 -14.24 13.37
CA ILE A 27 4.05 -14.65 14.63
C ILE A 27 3.28 -15.94 14.36
N SER A 28 3.45 -16.92 15.27
CA SER A 28 2.75 -18.20 15.21
C SER A 28 1.74 -18.25 16.33
N LEU A 29 0.46 -18.33 15.97
CA LEU A 29 -0.58 -18.41 16.96
C LEU A 29 -1.65 -19.42 16.55
N ASP A 30 -2.37 -19.93 17.54
CA ASP A 30 -3.50 -20.83 17.28
C ASP A 30 -4.51 -20.07 16.43
N PHE A 31 -5.03 -20.73 15.39
CA PHE A 31 -5.97 -20.10 14.48
C PHE A 31 -7.23 -19.61 15.18
N SER A 32 -7.73 -20.37 16.14
CA SER A 32 -8.91 -19.97 16.90
C SER A 32 -8.65 -18.67 17.67
N LEU A 33 -7.43 -18.49 18.18
CA LEU A 33 -7.05 -17.23 18.82
C LEU A 33 -7.04 -16.07 17.82
N PHE A 34 -6.52 -16.31 16.62
CA PHE A 34 -6.52 -15.30 15.59
C PHE A 34 -7.93 -14.90 15.18
N GLU A 35 -8.81 -15.87 14.95
CA GLU A 35 -10.17 -15.56 14.53
C GLU A 35 -10.87 -14.74 15.62
N LYS A 36 -10.70 -15.14 16.87
CA LYS A 36 -11.29 -14.46 18.01
C LYS A 36 -10.72 -13.05 18.25
N SER A 37 -9.44 -12.87 17.95
CA SER A 37 -8.77 -11.58 18.12
C SER A 37 -9.28 -10.51 17.15
N LEU A 38 -10.01 -10.92 16.11
CA LEU A 38 -10.64 -10.01 15.15
C LEU A 38 -11.74 -9.21 15.83
N GLN A 39 -12.24 -9.70 16.96
CA GLN A 39 -13.18 -8.97 17.80
C GLN A 39 -12.52 -7.87 18.65
N GLY A 40 -11.18 -7.87 18.69
CA GLY A 40 -10.41 -6.88 19.39
C GLY A 40 -9.60 -7.41 20.56
N ALA A 41 -8.47 -6.78 20.84
CA ALA A 41 -7.67 -7.03 22.04
C ALA A 41 -7.69 -5.78 22.90
N VAL A 42 -7.76 -5.96 24.22
CA VAL A 42 -7.62 -4.89 25.19
CA VAL A 42 -7.63 -4.82 25.12
C VAL A 42 -6.15 -4.48 25.17
N TYR A 43 -5.83 -3.19 25.29
CA TYR A 43 -4.44 -2.79 25.18
C TYR A 43 -4.00 -1.55 25.96
N GLU A 44 -2.69 -1.43 26.12
CA GLU A 44 -2.04 -0.27 26.71
C GLU A 44 -0.76 0.06 25.95
N THR A 45 -0.35 1.34 26.00
CA THR A 45 0.90 1.80 25.39
CA THR A 45 0.90 1.79 25.40
C THR A 45 1.74 2.47 26.47
N LEU A 46 3.04 2.19 26.50
CA LEU A 46 3.95 2.78 27.46
C LEU A 46 5.16 3.32 26.71
N ARG A 47 5.90 4.21 27.37
CA ARG A 47 7.22 4.61 26.90
C ARG A 47 8.19 4.53 28.06
N THR A 48 9.49 4.61 27.77
CA THR A 48 10.50 4.63 28.79
C THR A 48 11.13 6.02 28.91
N TYR A 49 11.65 6.28 30.12
CA TYR A 49 12.59 7.39 30.38
C TYR A 49 13.81 6.70 30.97
N SER A 50 14.98 6.97 30.39
CA SER A 50 16.22 6.29 30.75
C SER A 50 16.07 4.77 30.66
N ARG A 51 15.27 4.33 29.70
CA ARG A 51 15.06 2.91 29.45
C ARG A 51 14.28 2.22 30.57
N ALA A 52 13.74 3.02 31.51
CA ALA A 52 12.86 2.51 32.57
C ALA A 52 11.39 2.73 32.17
N PRO A 53 10.55 1.68 32.24
CA PRO A 53 9.12 1.85 31.87
C PRO A 53 8.33 2.81 32.78
N PHE A 54 7.78 3.83 32.12
CA PHE A 54 7.07 4.91 32.75
C PHE A 54 5.60 4.57 33.07
N ALA A 55 5.20 4.95 34.29
CA ALA A 55 3.84 4.77 34.78
C ALA A 55 3.36 3.35 34.63
N ALA A 56 4.25 2.38 34.91
CA ALA A 56 3.94 0.98 34.68
C ALA A 56 2.73 0.50 35.49
N TYR A 57 2.67 0.86 36.77
CA TYR A 57 1.55 0.49 37.63
C TYR A 57 0.23 1.12 37.15
N LYS A 58 0.27 2.40 36.78
CA LYS A 58 -0.90 3.09 36.27
C LYS A 58 -1.47 2.43 35.03
N HIS A 59 -0.59 2.04 34.11
CA HIS A 59 -0.99 1.34 32.89
C HIS A 59 -1.51 -0.06 33.17
N TYR A 60 -0.88 -0.77 34.10
CA TYR A 60 -1.35 -2.09 34.53
C TYR A 60 -2.79 -2.04 35.08
N THR A 61 -3.08 -1.06 35.92
CA THR A 61 -4.44 -0.99 36.50
C THR A 61 -5.49 -0.60 35.44
N ARG A 62 -5.12 0.22 34.46
CA ARG A 62 -6.02 0.57 33.35
CA ARG A 62 -6.05 0.56 33.39
C ARG A 62 -6.29 -0.66 32.51
N LEU A 63 -5.25 -1.46 32.29
CA LEU A 63 -5.37 -2.70 31.53
C LEU A 63 -6.37 -3.62 32.25
N LYS A 64 -6.19 -3.78 33.55
CA LYS A 64 -7.11 -4.60 34.35
C LYS A 64 -8.57 -4.10 34.24
N ARG A 65 -8.74 -2.79 34.32
CA ARG A 65 -10.05 -2.17 34.19
C ARG A 65 -10.68 -2.42 32.82
N SER A 66 -9.91 -2.30 31.74
CA SER A 66 -10.40 -2.63 30.40
C SER A 66 -10.76 -4.12 30.33
N ALA A 67 -9.95 -4.97 30.96
CA ALA A 67 -10.19 -6.40 30.98
C ALA A 67 -11.47 -6.74 31.75
N ASP A 68 -11.79 -5.96 32.78
CA ASP A 68 -12.98 -6.19 33.60
C ASP A 68 -14.30 -5.91 32.88
N PHE A 69 -14.31 -4.99 31.92
CA PHE A 69 -15.49 -4.83 31.07
C PHE A 69 -15.83 -6.17 30.34
N PHE A 70 -15.06 -7.25 30.58
CA PHE A 70 -15.32 -8.59 30.00
C PHE A 70 -15.24 -9.76 30.99
N ASN A 71 -15.09 -9.47 32.28
CA ASN A 71 -14.85 -10.52 33.29
C ASN A 71 -13.75 -11.51 32.86
N LEU A 72 -12.85 -11.05 31.99
CA LEU A 72 -11.66 -11.76 31.56
C LEU A 72 -10.63 -11.27 32.54
N PRO A 73 -10.16 -12.14 33.46
CA PRO A 73 -9.17 -11.61 34.40
C PRO A 73 -7.80 -11.50 33.73
N LEU A 74 -6.94 -10.69 34.34
CA LEU A 74 -5.62 -10.47 33.81
C LEU A 74 -4.77 -11.68 34.21
N SER A 75 -4.04 -12.24 33.25
CA SER A 75 -3.20 -13.42 33.50
C SER A 75 -1.91 -13.05 34.24
N LEU A 76 -1.27 -11.96 33.81
CA LEU A 76 -0.01 -11.49 34.38
C LEU A 76 -0.17 -10.76 35.71
N SER A 77 0.78 -10.98 36.61
CA SER A 77 0.83 -10.19 37.84
C SER A 77 1.53 -8.87 37.50
N PHE A 78 1.40 -7.88 38.38
CA PHE A 78 2.11 -6.63 38.16
C PHE A 78 3.61 -6.89 38.16
N ASP A 79 4.03 -7.74 39.08
CA ASP A 79 5.43 -8.09 39.25
C ASP A 79 6.00 -8.69 37.96
N GLU A 80 5.25 -9.59 37.33
CA GLU A 80 5.67 -10.22 36.07
C GLU A 80 5.63 -9.23 34.90
N PHE A 81 4.59 -8.41 34.87
CA PHE A 81 4.41 -7.31 33.90
C PHE A 81 5.67 -6.45 33.92
N THR A 82 6.07 -5.99 35.10
CA THR A 82 7.25 -5.13 35.22
C THR A 82 8.51 -5.88 34.79
N LYS A 83 8.56 -7.17 35.05
CA LYS A 83 9.73 -7.97 34.70
C LYS A 83 9.93 -8.05 33.19
N VAL A 84 8.85 -8.32 32.45
CA VAL A 84 8.94 -8.36 30.98
C VAL A 84 9.21 -6.96 30.41
N LEU A 85 8.57 -5.94 30.97
CA LEU A 85 8.76 -4.57 30.49
C LEU A 85 10.24 -4.16 30.58
N LYS A 86 10.85 -4.40 31.75
CA LYS A 86 12.26 -4.05 32.00
C LYS A 86 13.28 -4.86 31.19
N ALA A 87 13.08 -6.18 31.10
CA ALA A 87 13.95 -7.05 30.30
C ALA A 87 13.92 -6.63 28.83
N GLY A 88 12.73 -6.25 28.33
CA GLY A 88 12.56 -5.86 26.94
C GLY A 88 13.21 -4.52 26.63
N ALA A 89 12.93 -3.51 27.47
CA ALA A 89 13.51 -2.18 27.35
C ALA A 89 15.03 -2.22 27.46
N ASP A 90 15.54 -3.14 28.28
CA ASP A 90 16.99 -3.28 28.50
C ASP A 90 17.78 -3.75 27.28
N GLU A 91 17.08 -4.18 26.23
CA GLU A 91 17.73 -4.67 25.02
C GLU A 91 17.90 -3.61 23.93
N PHE A 92 17.70 -2.35 24.30
CA PHE A 92 17.80 -1.22 23.37
C PHE A 92 18.78 -0.22 23.95
N LYS A 93 19.43 0.56 23.10
CA LYS A 93 20.38 1.60 23.58
C LYS A 93 19.72 2.94 23.32
N GLN A 94 18.46 3.02 23.70
CA GLN A 94 17.55 4.05 23.19
C GLN A 94 16.21 3.89 23.90
N GLU A 95 15.43 4.96 23.97
CA GLU A 95 14.08 4.86 24.54
C GLU A 95 13.18 4.01 23.65
N VAL A 96 12.26 3.25 24.27
CA VAL A 96 11.32 2.41 23.54
C VAL A 96 9.85 2.82 23.75
N ARG A 97 9.04 2.57 22.71
CA ARG A 97 7.59 2.57 22.80
C ARG A 97 7.24 1.12 23.06
N ILE A 98 6.25 0.87 23.92
CA ILE A 98 5.85 -0.50 24.27
C ILE A 98 4.33 -0.60 24.16
N LYS A 99 3.82 -1.57 23.38
CA LYS A 99 2.40 -1.85 23.28
C LYS A 99 2.15 -3.17 23.97
N VAL A 100 1.11 -3.25 24.78
CA VAL A 100 0.74 -4.49 25.49
C VAL A 100 -0.70 -4.87 25.12
N TYR A 101 -0.87 -6.07 24.56
CA TYR A 101 -2.18 -6.54 24.14
C TYR A 101 -2.62 -7.70 24.99
N LEU A 102 -3.87 -7.67 25.43
CA LEU A 102 -4.44 -8.76 26.20
C LEU A 102 -5.54 -9.39 25.34
N PHE A 103 -5.46 -10.69 25.14
CA PHE A 103 -6.34 -11.39 24.21
C PHE A 103 -7.54 -12.06 24.84
N PRO A 104 -8.67 -12.05 24.09
CA PRO A 104 -10.00 -12.47 24.53
C PRO A 104 -10.08 -13.93 24.88
N ASP A 105 -10.66 -14.20 26.05
CA ASP A 105 -10.91 -15.55 26.54
C ASP A 105 -9.60 -16.21 27.00
N SER A 106 -8.62 -16.32 26.10
CA SER A 106 -7.34 -16.93 26.45
C SER A 106 -6.58 -16.22 27.58
N GLY A 107 -6.63 -14.89 27.64
CA GLY A 107 -5.85 -14.13 28.63
C GLY A 107 -4.36 -13.97 28.26
N GLU A 108 -3.98 -14.50 27.08
CA GLU A 108 -2.63 -14.37 26.52
C GLU A 108 -2.20 -12.92 26.42
N VAL A 109 -0.95 -12.62 26.75
CA VAL A 109 -0.41 -11.25 26.66
C VAL A 109 0.69 -11.15 25.60
N LEU A 110 0.69 -10.08 24.83
CA LEU A 110 1.73 -9.83 23.83
C LEU A 110 2.31 -8.46 24.05
N PHE A 111 3.64 -8.38 24.18
CA PHE A 111 4.34 -7.10 24.32
C PHE A 111 5.06 -6.84 23.02
N VAL A 112 5.05 -5.60 22.54
CA VAL A 112 5.77 -5.22 21.34
C VAL A 112 6.67 -4.04 21.71
N PHE A 113 7.98 -4.21 21.53
CA PHE A 113 8.96 -3.16 21.84
C PHE A 113 9.57 -2.61 20.55
N SER A 114 9.57 -1.29 20.39
CA SER A 114 10.20 -0.66 19.22
C SER A 114 10.81 0.68 19.59
N PRO A 115 11.83 1.12 18.84
CA PRO A 115 12.48 2.36 19.24
C PRO A 115 11.52 3.53 19.23
N LEU A 116 11.58 4.37 20.26
CA LEU A 116 10.75 5.57 20.36
C LEU A 116 11.47 6.65 19.60
N ASN A 117 10.93 7.02 18.44
CA ASN A 117 11.50 8.10 17.66
C ASN A 117 10.52 9.26 17.73
N ILE A 118 10.83 10.15 18.67
CA ILE A 118 9.96 11.26 19.02
C ILE A 118 10.48 12.53 18.33
N PRO A 119 9.63 13.16 17.49
CA PRO A 119 10.07 14.35 16.73
C PRO A 119 10.08 15.67 17.52
N ASP A 120 10.63 16.71 16.90
CA ASP A 120 10.66 18.05 17.51
C ASP A 120 9.35 18.76 17.25
N LEU A 121 8.54 18.87 18.30
CA LEU A 121 7.23 19.47 18.21
C LEU A 121 7.21 20.87 18.83
N GLU A 122 8.38 21.50 18.96
CA GLU A 122 8.47 22.84 19.55
C GLU A 122 7.72 23.86 18.69
N THR A 123 7.74 23.66 17.38
CA THR A 123 7.02 24.49 16.41
C THR A 123 5.46 24.32 16.35
N GLY A 124 4.92 23.33 17.07
CA GLY A 124 3.47 23.12 17.10
C GLY A 124 2.96 22.20 16.00
N VAL A 125 1.78 21.62 16.21
CA VAL A 125 1.20 20.73 15.20
C VAL A 125 -0.15 21.28 14.72
N GLU A 126 -0.62 20.73 13.60
CA GLU A 126 -1.96 20.96 13.05
CA GLU A 126 -1.95 20.98 13.08
C GLU A 126 -2.90 19.85 13.51
N VAL A 127 -4.11 20.19 13.92
CA VAL A 127 -5.15 19.23 14.25
C VAL A 127 -6.43 19.68 13.53
N LYS A 128 -7.35 18.75 13.33
CA LYS A 128 -8.63 19.06 12.71
C LYS A 128 -9.76 18.39 13.46
N ILE A 129 -10.95 19.01 13.43
CA ILE A 129 -12.18 18.38 13.98
C ILE A 129 -12.48 17.10 13.16
N SER A 130 -12.66 15.98 13.84
CA SER A 130 -13.01 14.70 13.20
C SER A 130 -14.48 14.69 12.73
N ASN A 131 -14.76 13.87 11.71
CA ASN A 131 -16.13 13.55 11.26
C ASN A 131 -16.75 12.41 12.03
N VAL A 132 -16.01 11.87 12.98
CA VAL A 132 -16.45 10.79 13.82
C VAL A 132 -16.69 11.35 15.24
N ARG A 133 -17.90 11.14 15.77
CA ARG A 133 -18.22 11.49 17.14
C ARG A 133 -17.85 10.35 18.05
N ARG A 134 -17.39 10.69 19.25
CA ARG A 134 -17.05 9.72 20.28
C ARG A 134 -18.28 8.90 20.66
N ILE A 135 -18.13 7.57 20.79
CA ILE A 135 -19.25 6.69 21.10
C ILE A 135 -19.70 7.01 22.52
N PRO A 136 -21.02 7.19 22.72
CA PRO A 136 -21.52 7.56 24.05
C PRO A 136 -21.56 6.36 24.98
N ASP A 137 -21.57 6.64 26.28
CA ASP A 137 -21.60 5.63 27.33
C ASP A 137 -22.72 4.57 27.21
N LEU A 138 -23.90 4.94 26.74
CA LEU A 138 -24.99 3.96 26.55
C LEU A 138 -24.68 2.87 25.51
N SER A 139 -23.71 3.13 24.65
CA SER A 139 -23.27 2.18 23.61
C SER A 139 -21.97 1.44 23.93
N THR A 140 -21.05 2.12 24.60
CA THR A 140 -19.74 1.56 24.93
C THR A 140 -19.07 2.45 25.99
N PRO A 141 -18.41 1.84 27.01
CA PRO A 141 -17.67 2.67 27.94
C PRO A 141 -16.50 3.35 27.27
N PRO A 142 -16.40 4.68 27.41
CA PRO A 142 -15.30 5.43 26.85
C PRO A 142 -13.91 4.96 27.30
N ALA A 143 -13.82 4.44 28.53
CA ALA A 143 -12.55 3.96 29.07
C ALA A 143 -12.16 2.56 28.61
N LEU A 144 -12.98 1.88 27.81
CA LEU A 144 -12.57 0.57 27.24
C LEU A 144 -11.55 0.79 26.09
N LYS A 145 -10.28 0.50 26.36
CA LYS A 145 -9.22 0.60 25.34
C LYS A 145 -9.12 -0.75 24.65
N ILE A 146 -9.83 -0.86 23.53
CA ILE A 146 -9.92 -2.07 22.73
C ILE A 146 -9.54 -1.72 21.28
N THR A 147 -8.80 -2.61 20.62
CA THR A 147 -8.17 -2.31 19.31
C THR A 147 -9.17 -2.06 18.16
N GLY A 148 -10.36 -2.63 18.27
CA GLY A 148 -11.35 -2.51 17.22
C GLY A 148 -12.46 -1.50 17.40
N ARG A 149 -12.47 -0.74 18.50
CA ARG A 149 -13.55 0.22 18.73
C ARG A 149 -13.59 1.24 17.57
N THR A 150 -14.77 1.38 16.99
CA THR A 150 -14.88 1.97 15.67
C THR A 150 -14.76 3.50 15.65
N ASP A 151 -15.04 4.18 16.76
CA ASP A 151 -14.81 5.64 16.79
C ASP A 151 -13.32 5.96 16.59
N ILE A 152 -12.47 5.29 17.37
CA ILE A 152 -11.02 5.47 17.30
C ILE A 152 -10.45 4.89 15.99
N VAL A 153 -10.91 3.71 15.56
CA VAL A 153 -10.43 3.13 14.28
C VAL A 153 -10.78 4.06 13.10
N LEU A 154 -12.03 4.49 13.02
CA LEU A 154 -12.43 5.36 11.91
C LEU A 154 -11.78 6.74 11.97
N ALA A 155 -11.62 7.29 13.18
CA ALA A 155 -11.02 8.63 13.33
C ALA A 155 -9.53 8.66 12.98
N ARG A 156 -8.79 7.64 13.38
CA ARG A 156 -7.38 7.57 13.04
C ARG A 156 -7.14 7.48 11.54
N ARG A 157 -8.07 6.90 10.80
CA ARG A 157 -7.96 6.83 9.34
C ARG A 157 -8.14 8.19 8.66
N GLU A 158 -8.59 9.19 9.42
CA GLU A 158 -8.73 10.57 8.96
C GLU A 158 -7.46 11.40 9.11
N ILE A 159 -6.45 10.88 9.79
CA ILE A 159 -5.25 11.67 10.02
C ILE A 159 -4.41 11.64 8.74
N VAL A 160 -4.56 12.66 7.89
CA VAL A 160 -3.83 12.75 6.62
C VAL A 160 -2.93 13.98 6.61
N ASP A 161 -3.48 15.19 6.59
CA ASP A 161 -2.60 16.37 6.68
C ASP A 161 -2.76 17.07 8.02
N CYS A 162 -2.65 16.28 9.08
CA CYS A 162 -2.66 16.77 10.43
C CYS A 162 -1.99 15.75 11.34
N TYR A 163 -1.78 16.15 12.58
CA TYR A 163 -1.16 15.31 13.57
C TYR A 163 -2.15 14.36 14.28
N ASP A 164 -3.29 14.89 14.69
CA ASP A 164 -4.36 14.11 15.27
C ASP A 164 -5.67 14.81 14.90
N VAL A 165 -6.78 14.09 14.99
CA VAL A 165 -8.13 14.64 14.79
C VAL A 165 -8.84 14.72 16.16
N ILE A 166 -9.68 15.75 16.35
CA ILE A 166 -10.41 15.96 17.59
C ILE A 166 -11.85 15.40 17.48
N LEU A 167 -12.13 14.38 18.29
CA LEU A 167 -13.46 13.80 18.40
C LEU A 167 -14.29 14.61 19.40
N LEU A 168 -15.43 15.10 18.91
CA LEU A 168 -16.44 15.72 19.73
C LEU A 168 -17.41 14.63 20.14
N GLY A 169 -18.10 14.84 21.25
CA GLY A 169 -19.16 13.95 21.69
C GLY A 169 -20.42 14.26 20.92
N LEU A 170 -21.48 13.49 21.15
CA LEU A 170 -22.70 13.67 20.39
C LEU A 170 -23.30 15.04 20.49
N ASN A 171 -23.08 15.76 21.60
CA ASN A 171 -23.64 17.11 21.75
C ASN A 171 -22.68 18.23 21.33
N GLY A 172 -21.54 17.92 20.73
CA GLY A 172 -20.62 18.99 20.35
C GLY A 172 -19.64 19.41 21.44
N GLN A 173 -19.62 18.70 22.56
CA GLN A 173 -18.59 18.88 23.58
C GLN A 173 -17.29 18.31 23.05
N VAL A 174 -16.18 18.92 23.42
CA VAL A 174 -14.86 18.38 23.13
C VAL A 174 -14.64 17.13 23.98
N CYS A 175 -14.28 16.03 23.33
CA CYS A 175 -13.89 14.83 24.07
C CYS A 175 -12.37 14.75 24.09
N GLU A 176 -11.79 14.32 22.98
CA GLU A 176 -10.38 14.12 22.92
C GLU A 176 -9.91 13.86 21.50
N GLY A 177 -8.60 13.79 21.30
CA GLY A 177 -8.05 13.35 20.04
C GLY A 177 -8.16 11.83 19.91
N SER A 178 -7.92 11.30 18.69
CA SER A 178 -7.94 9.84 18.42
C SER A 178 -6.88 9.05 19.21
N PHE A 179 -5.82 9.72 19.67
CA PHE A 179 -4.76 9.06 20.45
C PHE A 179 -4.17 9.99 21.54
N SER A 180 -4.87 11.08 21.87
CA SER A 180 -4.40 12.07 22.83
C SER A 180 -5.54 12.72 23.57
N ASN A 181 -5.26 13.38 24.70
CA ASN A 181 -6.22 14.27 25.35
C ASN A 181 -5.96 15.73 24.95
N VAL A 182 -7.00 16.56 25.11
CA VAL A 182 -7.00 17.98 24.72
C VAL A 182 -7.06 18.92 25.92
N PHE A 183 -6.22 19.94 25.87
CA PHE A 183 -6.24 21.03 26.81
C PHE A 183 -6.31 22.35 26.05
N LEU A 184 -6.94 23.35 26.66
CA LEU A 184 -6.93 24.71 26.14
CA LEU A 184 -6.94 24.71 26.14
C LEU A 184 -6.58 25.68 27.26
N VAL A 185 -6.09 26.84 26.88
CA VAL A 185 -5.75 27.88 27.86
C VAL A 185 -6.54 29.10 27.47
N LYS A 186 -7.20 29.71 28.46
CA LYS A 186 -8.00 30.92 28.25
C LYS A 186 -7.90 31.82 29.46
N GLU A 187 -7.39 33.04 29.25
CA GLU A 187 -7.21 34.04 30.29
CA GLU A 187 -7.21 34.04 30.29
C GLU A 187 -6.41 33.47 31.46
N GLY A 188 -5.34 32.76 31.11
CA GLY A 188 -4.47 32.16 32.11
C GLY A 188 -4.94 30.91 32.82
N LYS A 189 -6.16 30.44 32.54
CA LYS A 189 -6.66 29.19 33.13
C LYS A 189 -6.44 28.00 32.18
N LEU A 190 -5.95 26.88 32.74
CA LEU A 190 -5.81 25.64 32.00
C LEU A 190 -7.15 24.86 32.10
N ILE A 191 -7.76 24.56 30.95
CA ILE A 191 -9.09 23.97 30.87
C ILE A 191 -9.01 22.67 30.06
N THR A 192 -9.63 21.60 30.58
CA THR A 192 -9.63 20.31 29.92
C THR A 192 -10.98 19.60 30.13
N PRO A 193 -11.45 18.86 29.10
CA PRO A 193 -12.67 18.07 29.31
C PRO A 193 -12.63 17.16 30.55
N SER A 194 -13.72 17.22 31.31
CA SER A 194 -13.95 16.35 32.45
C SER A 194 -14.14 14.91 31.98
N LEU A 195 -13.86 13.95 32.86
CA LEU A 195 -14.06 12.54 32.53
C LEU A 195 -15.51 12.22 32.18
N ASP A 196 -16.45 12.99 32.74
CA ASP A 196 -17.89 12.86 32.47
C ASP A 196 -18.28 13.34 31.10
N SER A 197 -17.38 14.01 30.38
CA SER A 197 -17.63 14.41 29.00
C SER A 197 -17.66 13.15 28.11
N GLY A 198 -17.01 12.09 28.59
CA GLY A 198 -17.05 10.79 27.94
C GLY A 198 -15.74 10.48 27.29
N ILE A 199 -14.69 10.52 28.08
CA ILE A 199 -13.33 10.42 27.57
C ILE A 199 -12.50 9.37 28.30
N LEU A 200 -11.36 9.05 27.71
CA LEU A 200 -10.33 8.22 28.34
C LEU A 200 -9.49 9.06 29.32
N ASP A 201 -9.28 8.53 30.52
CA ASP A 201 -8.48 9.20 31.57
C ASP A 201 -6.99 8.96 31.30
N GLY A 202 -6.46 9.70 30.35
CA GLY A 202 -5.07 9.55 29.99
C GLY A 202 -4.12 9.81 31.15
N ILE A 203 -3.07 9.01 31.19
CA ILE A 203 -2.01 9.11 32.21
C ILE A 203 -1.16 10.39 32.02
N THR A 204 -0.94 10.84 30.78
CA THR A 204 -0.25 12.13 30.52
C THR A 204 -1.10 13.30 31.00
N ARG A 205 -2.37 13.26 30.64
CA ARG A 205 -3.36 14.23 31.12
C ARG A 205 -3.33 14.40 32.64
N GLU A 206 -3.41 13.31 33.37
CA GLU A 206 -3.40 13.29 34.81
C GLU A 206 -2.16 13.99 35.35
N ASN A 207 -0.98 13.64 34.82
CA ASN A 207 0.28 14.24 35.21
C ASN A 207 0.37 15.73 34.92
N VAL A 208 -0.19 16.16 33.79
CA VAL A 208 -0.20 17.57 33.41
C VAL A 208 -1.09 18.37 34.35
N ILE A 209 -2.22 17.81 34.76
CA ILE A 209 -3.12 18.48 35.74
C ILE A 209 -2.39 18.70 37.07
N LYS A 210 -1.67 17.68 37.53
CA LYS A 210 -0.86 17.78 38.74
C LYS A 210 0.29 18.77 38.59
N LEU A 211 0.94 18.76 37.44
CA LEU A 211 2.00 19.72 37.16
C LEU A 211 1.46 21.13 37.14
N ALA A 212 0.32 21.34 36.50
CA ALA A 212 -0.27 22.69 36.45
C ALA A 212 -0.51 23.21 37.87
N LYS A 213 -1.07 22.36 38.73
CA LYS A 213 -1.32 22.70 40.12
C LYS A 213 -0.05 23.01 40.92
N SER A 214 1.01 22.24 40.68
CA SER A 214 2.28 22.47 41.35
C SER A 214 2.86 23.82 40.92
N LEU A 215 2.56 24.25 39.69
CA LEU A 215 3.01 25.55 39.20
C LEU A 215 2.02 26.69 39.51
N GLU A 216 0.99 26.42 40.30
CA GLU A 216 -0.03 27.43 40.65
C GLU A 216 -0.80 27.98 39.43
N ILE A 217 -0.92 27.16 38.38
CA ILE A 217 -1.76 27.46 37.22
C ILE A 217 -3.18 26.97 37.57
N PRO A 218 -4.20 27.82 37.48
CA PRO A 218 -5.57 27.34 37.71
C PRO A 218 -6.01 26.31 36.67
N VAL A 219 -6.66 25.23 37.13
CA VAL A 219 -7.11 24.15 36.30
C VAL A 219 -8.61 23.90 36.47
N GLU A 220 -9.34 23.78 35.36
CA GLU A 220 -10.77 23.45 35.33
C GLU A 220 -10.97 22.20 34.48
N GLU A 221 -11.50 21.15 35.09
CA GLU A 221 -11.95 19.96 34.42
C GLU A 221 -13.46 20.10 34.33
N ARG A 222 -13.97 20.32 33.13
CA ARG A 222 -15.40 20.57 32.94
C ARG A 222 -15.83 20.21 31.52
N VAL A 223 -17.11 20.35 31.23
CA VAL A 223 -17.58 20.24 29.87
C VAL A 223 -17.05 21.46 29.09
N VAL A 224 -16.38 21.17 27.97
CA VAL A 224 -15.80 22.19 27.08
C VAL A 224 -16.52 22.03 25.75
N TRP A 225 -17.15 23.10 25.27
CA TRP A 225 -17.87 23.09 23.99
C TRP A 225 -16.91 23.38 22.83
N VAL A 226 -17.17 22.78 21.66
CA VAL A 226 -16.21 22.90 20.53
C VAL A 226 -15.77 24.34 20.19
N TRP A 227 -16.71 25.29 20.20
CA TRP A 227 -16.40 26.69 19.85
C TRP A 227 -15.40 27.41 20.80
N GLU A 228 -15.23 26.91 22.02
CA GLU A 228 -14.23 27.42 22.95
C GLU A 228 -12.81 27.17 22.45
N LEU A 229 -12.58 26.10 21.71
CA LEU A 229 -11.27 25.86 21.11
C LEU A 229 -10.94 26.99 20.12
N PHE A 230 -11.96 27.48 19.42
CA PHE A 230 -11.75 28.52 18.41
C PHE A 230 -11.60 29.91 19.03
N GLU A 231 -11.87 30.03 20.33
CA GLU A 231 -11.66 31.28 21.03
C GLU A 231 -10.55 31.21 22.06
N ALA A 232 -9.85 30.08 22.11
CA ALA A 232 -8.81 29.85 23.11
C ALA A 232 -7.57 30.67 22.81
N ASP A 233 -6.83 31.04 23.85
CA ASP A 233 -5.50 31.65 23.70
C ASP A 233 -4.43 30.61 23.31
N GLU A 234 -4.54 29.40 23.86
CA GLU A 234 -3.61 28.31 23.58
C GLU A 234 -4.37 27.01 23.52
N MSE A 235 -3.79 26.03 22.82
CA MSE A 235 -4.29 24.67 22.79
C MSE A 235 -3.10 23.70 22.70
O MSE A 235 -2.07 24.02 22.12
CB MSE A 235 -5.24 24.50 21.62
CG MSE A 235 -5.79 23.10 21.39
SE MSE A 235 -7.02 23.01 19.88
CE MSE A 235 -7.45 21.23 20.00
N PHE A 236 -3.23 22.53 23.35
CA PHE A 236 -2.21 21.48 23.26
C PHE A 236 -2.82 20.09 23.50
N LEU A 237 -2.06 19.07 23.10
CA LEU A 237 -2.43 17.67 23.25
C LEU A 237 -1.49 16.99 24.22
N THR A 238 -1.97 15.91 24.83
CA THR A 238 -1.13 15.09 25.71
C THR A 238 -1.28 13.61 25.33
N HIS A 239 -0.16 12.90 25.19
CA HIS A 239 -0.19 11.45 25.00
C HIS A 239 1.15 10.84 25.41
N THR A 240 1.15 9.53 25.69
CA THR A 240 2.31 8.84 26.25
C THR A 240 3.64 9.12 25.54
N SER A 241 3.68 8.95 24.22
CA SER A 241 4.96 8.96 23.52
C SER A 241 5.64 10.30 23.55
N ALA A 242 4.88 11.38 23.41
CA ALA A 242 5.43 12.70 23.21
C ALA A 242 5.26 13.66 24.39
N GLY A 243 4.36 13.39 25.33
CA GLY A 243 4.15 14.30 26.47
C GLY A 243 3.22 15.45 26.09
N VAL A 244 3.67 16.69 26.24
CA VAL A 244 2.87 17.88 25.85
C VAL A 244 3.17 18.26 24.41
N VAL A 245 2.12 18.37 23.58
CA VAL A 245 2.26 18.67 22.17
C VAL A 245 1.48 19.96 21.87
N PRO A 246 2.20 21.06 21.59
CA PRO A 246 1.51 22.33 21.32
C PRO A 246 0.78 22.29 19.99
N VAL A 247 -0.39 22.93 19.95
CA VAL A 247 -1.19 22.99 18.72
C VAL A 247 -1.08 24.40 18.17
N ARG A 248 -0.49 24.54 16.99
CA ARG A 248 -0.41 25.87 16.37
C ARG A 248 -1.63 26.25 15.51
N ARG A 249 -2.38 25.24 15.04
CA ARG A 249 -3.53 25.47 14.18
C ARG A 249 -4.61 24.37 14.33
N LEU A 250 -5.86 24.79 14.51
CA LEU A 250 -7.04 23.92 14.52
C LEU A 250 -7.85 24.25 13.28
N ASN A 251 -8.04 23.27 12.41
CA ASN A 251 -8.72 23.50 11.14
C ASN A 251 -7.96 24.66 10.44
N GLU A 252 -8.61 25.80 10.19
CA GLU A 252 -7.91 26.94 9.57
C GLU A 252 -7.59 28.04 10.58
N HIS A 253 -7.78 27.75 11.87
CA HIS A 253 -7.59 28.71 12.94
C HIS A 253 -6.21 28.55 13.57
N SER A 254 -5.33 29.54 13.33
CA SER A 254 -4.01 29.58 13.95
C SER A 254 -4.06 30.15 15.35
N PHE A 255 -3.35 29.49 16.26
CA PHE A 255 -3.11 29.99 17.61
C PHE A 255 -1.79 30.77 17.69
N PHE A 256 -0.77 30.31 16.95
CA PHE A 256 0.52 30.97 16.89
C PHE A 256 1.26 30.68 15.59
N GLU A 257 2.29 31.49 15.35
CA GLU A 257 3.11 31.41 14.14
C GLU A 257 4.36 30.58 14.39
N GLU A 258 5.12 30.96 15.42
CA GLU A 258 6.41 30.31 15.73
C GLU A 258 6.51 29.73 17.13
N GLU A 259 6.16 30.53 18.14
CA GLU A 259 6.35 30.14 19.53
C GLU A 259 5.06 29.67 20.16
N PRO A 260 5.09 28.52 20.86
CA PRO A 260 3.91 28.12 21.63
C PRO A 260 3.61 29.14 22.70
N GLY A 261 2.35 29.21 23.11
CA GLY A 261 1.99 30.16 24.15
C GLY A 261 2.70 29.85 25.44
N PRO A 262 2.68 30.81 26.37
CA PRO A 262 3.44 30.74 27.62
C PRO A 262 3.05 29.65 28.63
N VAL A 263 1.76 29.36 28.75
CA VAL A 263 1.33 28.31 29.68
C VAL A 263 1.79 26.95 29.13
N THR A 264 1.63 26.74 27.82
CA THR A 264 2.02 25.50 27.15
C THR A 264 3.52 25.28 27.26
N ALA A 265 4.27 26.37 27.08
CA ALA A 265 5.73 26.37 27.14
C ALA A 265 6.26 26.01 28.53
N THR A 266 5.68 26.56 29.59
CA THR A 266 6.09 26.20 30.94
C THR A 266 5.79 24.75 31.25
N LEU A 267 4.61 24.30 30.85
CA LEU A 267 4.20 22.92 31.12
C LEU A 267 5.12 21.94 30.39
N MSE A 268 5.46 22.23 29.13
CA MSE A 268 6.27 21.25 28.39
C MSE A 268 7.74 21.25 28.80
O MSE A 268 8.38 20.23 28.75
CB MSE A 268 6.04 21.31 26.86
CG MSE A 268 6.65 22.41 26.10
SE MSE A 268 6.20 22.32 24.17
CE MSE A 268 7.09 20.76 23.72
N GLU A 269 8.27 22.39 29.27
CA GLU A 269 9.63 22.38 29.75
C GLU A 269 9.72 21.70 31.13
N ASN A 270 8.67 21.84 31.95
CA ASN A 270 8.64 21.25 33.29
C ASN A 270 8.13 19.82 33.37
N PHE A 271 7.56 19.32 32.27
CA PHE A 271 6.90 18.01 32.25
C PHE A 271 7.82 16.85 32.66
N GLU A 272 8.90 16.66 31.91
CA GLU A 272 9.80 15.54 32.15
C GLU A 272 10.45 15.53 33.55
N PRO A 273 11.05 16.66 33.98
CA PRO A 273 11.55 16.68 35.36
C PRO A 273 10.48 16.41 36.42
N PHE A 274 9.28 16.92 36.23
CA PHE A 274 8.19 16.68 37.18
C PHE A 274 7.79 15.19 37.23
N VAL A 275 7.58 14.57 36.08
CA VAL A 275 7.09 13.18 36.06
C VAL A 275 8.19 12.18 36.47
N LEU A 276 9.45 12.49 36.16
CA LEU A 276 10.55 11.66 36.56
C LEU A 276 10.72 11.64 38.08
N ASN A 277 10.26 12.69 38.78
CA ASN A 277 10.40 12.68 40.23
C ASN A 277 9.10 12.49 41.01
N LEU A 278 8.03 12.07 40.32
CA LEU A 278 6.76 11.80 40.98
C LEU A 278 6.69 10.28 41.17
N GLU A 279 6.73 9.83 42.43
CA GLU A 279 6.84 8.40 42.79
C GLU A 279 5.70 7.52 42.27
N GLU A 280 4.50 8.06 42.22
CA GLU A 280 3.33 7.32 41.69
C GLU A 280 3.50 6.82 40.25
N ASN A 281 4.41 7.44 39.49
CA ASN A 281 4.75 6.99 38.13
C ASN A 281 5.82 5.90 38.06
N TRP A 282 6.37 5.52 39.23
CA TRP A 282 7.49 4.58 39.31
C TRP A 282 7.36 3.44 40.30
N VAL A 283 6.19 3.30 40.93
CA VAL A 283 5.92 2.22 41.87
CA VAL A 283 6.03 2.23 41.90
C VAL A 283 6.26 0.87 41.23
N GLY A 284 7.01 0.02 41.94
CA GLY A 284 7.33 -1.34 41.47
C GLY A 284 8.41 -1.53 40.43
N ILE A 285 9.03 -0.42 39.99
CA ILE A 285 10.05 -0.43 38.95
C ILE A 285 11.44 -0.20 39.54
N HIS B 12 -13.38 -29.90 13.50
CA HIS B 12 -13.02 -30.10 12.07
C HIS B 12 -13.25 -28.81 11.26
N VAL B 13 -12.33 -27.85 11.42
CA VAL B 13 -12.40 -26.56 10.73
C VAL B 13 -11.42 -26.56 9.54
N LEU B 14 -11.88 -26.05 8.39
CA LEU B 14 -11.06 -25.88 7.19
C LEU B 14 -10.98 -24.37 6.87
N ILE B 15 -9.82 -23.88 6.46
CA ILE B 15 -9.72 -22.47 6.04
C ILE B 15 -9.14 -22.33 4.64
N TRP B 16 -9.41 -21.18 4.02
CA TRP B 16 -8.80 -20.76 2.76
C TRP B 16 -8.15 -19.41 3.04
N TRP B 17 -6.85 -19.31 2.79
CA TRP B 17 -6.06 -18.14 3.13
C TRP B 17 -4.88 -18.10 2.19
N ARG B 18 -4.65 -16.95 1.56
CA ARG B 18 -3.52 -16.76 0.66
C ARG B 18 -3.36 -17.86 -0.39
N GLY B 19 -4.39 -18.05 -1.20
CA GLY B 19 -4.33 -18.93 -2.34
C GLY B 19 -4.57 -20.41 -2.10
N LYS B 20 -4.68 -20.87 -0.86
CA LYS B 20 -4.95 -22.30 -0.66
C LYS B 20 -5.67 -22.71 0.61
N PHE B 21 -6.23 -23.92 0.57
CA PHE B 21 -6.92 -24.52 1.71
C PHE B 21 -5.90 -25.06 2.69
N ARG B 22 -6.18 -24.87 3.97
CA ARG B 22 -5.26 -25.27 5.04
C ARG B 22 -6.06 -25.82 6.22
N ARG B 23 -5.39 -26.62 7.06
CA ARG B 23 -5.97 -27.10 8.31
C ARG B 23 -6.04 -25.90 9.26
N ALA B 24 -7.10 -25.81 10.05
CA ALA B 24 -7.29 -24.67 10.96
C ALA B 24 -6.71 -24.95 12.34
N ASP B 25 -5.43 -25.30 12.39
CA ASP B 25 -4.75 -25.68 13.64
C ASP B 25 -3.91 -24.52 14.22
N GLU B 26 -2.81 -24.18 13.54
CA GLU B 26 -2.04 -22.99 13.87
C GLU B 26 -1.88 -22.19 12.59
N ILE B 27 -1.55 -20.91 12.73
CA ILE B 27 -1.37 -20.03 11.57
C ILE B 27 -0.14 -19.16 11.82
N SER B 28 0.71 -19.02 10.82
CA SER B 28 1.81 -18.07 10.88
C SER B 28 1.44 -16.87 10.04
N LEU B 29 1.62 -15.68 10.60
CA LEU B 29 1.22 -14.46 9.92
C LEU B 29 2.36 -13.50 9.92
N ASP B 30 2.39 -12.63 8.92
CA ASP B 30 3.25 -11.47 8.95
C ASP B 30 2.86 -10.76 10.22
N PHE B 31 3.82 -10.40 11.05
CA PHE B 31 3.49 -9.83 12.36
C PHE B 31 2.72 -8.51 12.25
N SER B 32 3.13 -7.63 11.36
CA SER B 32 2.46 -6.35 11.23
C SER B 32 1.03 -6.51 10.66
N LEU B 33 0.83 -7.51 9.79
CA LEU B 33 -0.53 -7.86 9.34
C LEU B 33 -1.39 -8.24 10.54
N PHE B 34 -0.84 -9.08 11.42
CA PHE B 34 -1.55 -9.53 12.62
C PHE B 34 -1.99 -8.34 13.48
N GLU B 35 -1.04 -7.46 13.73
CA GLU B 35 -1.25 -6.27 14.53
C GLU B 35 -2.38 -5.41 13.93
N LYS B 36 -2.34 -5.25 12.62
CA LYS B 36 -3.35 -4.47 11.94
C LYS B 36 -4.72 -5.20 11.89
N SER B 37 -4.68 -6.53 11.86
CA SER B 37 -5.91 -7.32 11.83
C SER B 37 -6.72 -7.11 13.13
N LEU B 38 -6.04 -6.74 14.23
CA LEU B 38 -6.68 -6.45 15.51
C LEU B 38 -7.65 -5.26 15.48
N GLN B 39 -7.55 -4.43 14.46
CA GLN B 39 -8.47 -3.33 14.23
C GLN B 39 -9.78 -3.77 13.59
N GLY B 40 -9.87 -5.02 13.14
CA GLY B 40 -11.10 -5.57 12.61
C GLY B 40 -11.06 -5.95 11.15
N ALA B 41 -11.97 -6.86 10.78
CA ALA B 41 -12.18 -7.27 9.40
C ALA B 41 -13.65 -7.04 9.02
N VAL B 42 -13.88 -6.71 7.75
CA VAL B 42 -15.24 -6.71 7.19
C VAL B 42 -15.67 -8.18 7.06
N TYR B 43 -16.91 -8.50 7.43
CA TYR B 43 -17.33 -9.91 7.44
C TYR B 43 -18.72 -10.17 6.83
N GLU B 44 -18.92 -11.43 6.43
CA GLU B 44 -20.20 -11.93 5.90
C GLU B 44 -20.21 -13.44 6.20
N THR B 45 -21.38 -14.00 6.49
CA THR B 45 -21.50 -15.41 6.80
C THR B 45 -22.52 -16.04 5.83
N LEU B 46 -22.25 -17.28 5.44
CA LEU B 46 -23.11 -18.07 4.55
C LEU B 46 -23.30 -19.46 5.15
N ARG B 47 -24.30 -20.17 4.64
CA ARG B 47 -24.41 -21.61 4.88
C ARG B 47 -24.69 -22.31 3.55
N THR B 48 -24.66 -23.65 3.58
CA THR B 48 -24.95 -24.48 2.43
C THR B 48 -26.28 -25.23 2.60
N TYR B 49 -26.99 -25.45 1.50
CA TYR B 49 -28.09 -26.43 1.43
C TYR B 49 -27.62 -27.45 0.42
N SER B 50 -27.69 -28.73 0.80
CA SER B 50 -27.17 -29.84 -0.02
C SER B 50 -25.70 -29.63 -0.39
N ARG B 51 -24.97 -28.98 0.52
CA ARG B 51 -23.54 -28.69 0.33
C ARG B 51 -23.26 -27.67 -0.80
N ALA B 52 -24.31 -27.01 -1.28
CA ALA B 52 -24.18 -25.91 -2.23
C ALA B 52 -24.30 -24.59 -1.46
N PRO B 53 -23.33 -23.66 -1.63
CA PRO B 53 -23.41 -22.36 -0.94
C PRO B 53 -24.63 -21.54 -1.35
N PHE B 54 -25.40 -21.14 -0.34
CA PHE B 54 -26.69 -20.48 -0.53
C PHE B 54 -26.63 -18.94 -0.54
N ALA B 55 -27.39 -18.33 -1.45
CA ALA B 55 -27.42 -16.87 -1.62
C ALA B 55 -26.03 -16.28 -1.81
N ALA B 56 -25.15 -17.02 -2.51
CA ALA B 56 -23.75 -16.62 -2.70
C ALA B 56 -23.58 -15.24 -3.33
N TYR B 57 -24.30 -14.96 -4.40
CA TYR B 57 -24.21 -13.66 -5.09
C TYR B 57 -24.69 -12.52 -4.17
N LYS B 58 -25.79 -12.75 -3.46
CA LYS B 58 -26.34 -11.80 -2.52
C LYS B 58 -25.34 -11.46 -1.41
N HIS B 59 -24.69 -12.49 -0.87
CA HIS B 59 -23.67 -12.31 0.16
C HIS B 59 -22.40 -11.61 -0.37
N TYR B 60 -22.03 -11.89 -1.62
CA TYR B 60 -20.91 -11.22 -2.29
C TYR B 60 -21.18 -9.74 -2.42
N THR B 61 -22.40 -9.38 -2.82
CA THR B 61 -22.69 -7.96 -3.04
C THR B 61 -22.81 -7.20 -1.74
N ARG B 62 -23.23 -7.86 -0.67
CA ARG B 62 -23.32 -7.22 0.62
C ARG B 62 -21.93 -6.97 1.18
N LEU B 63 -21.04 -7.94 1.02
CA LEU B 63 -19.63 -7.82 1.40
C LEU B 63 -18.97 -6.62 0.68
N LYS B 64 -19.23 -6.50 -0.62
CA LYS B 64 -18.73 -5.38 -1.42
C LYS B 64 -19.20 -4.04 -0.86
N ARG B 65 -20.45 -4.00 -0.39
CA ARG B 65 -21.02 -2.79 0.16
C ARG B 65 -20.26 -2.30 1.39
N SER B 66 -19.89 -3.20 2.30
CA SER B 66 -19.10 -2.80 3.48
C SER B 66 -17.65 -2.50 3.08
N ALA B 67 -17.13 -3.27 2.12
CA ALA B 67 -15.79 -3.06 1.58
C ALA B 67 -15.66 -1.68 0.91
N ASP B 68 -16.71 -1.24 0.22
CA ASP B 68 -16.72 0.07 -0.44
C ASP B 68 -16.66 1.21 0.54
N PHE B 69 -17.14 1.00 1.75
CA PHE B 69 -17.03 2.03 2.77
C PHE B 69 -15.56 2.39 3.07
N PHE B 70 -14.68 1.38 3.00
CA PHE B 70 -13.23 1.56 3.15
C PHE B 70 -12.48 1.71 1.80
N ASN B 71 -13.19 1.97 0.70
CA ASN B 71 -12.58 2.02 -0.65
C ASN B 71 -11.69 0.78 -0.89
N LEU B 72 -12.24 -0.37 -0.53
CA LEU B 72 -11.51 -1.61 -0.60
C LEU B 72 -12.04 -2.49 -1.74
N PRO B 73 -11.22 -2.72 -2.77
CA PRO B 73 -11.67 -3.66 -3.78
C PRO B 73 -11.57 -5.10 -3.29
N LEU B 74 -12.51 -5.93 -3.72
CA LEU B 74 -12.50 -7.35 -3.42
CA LEU B 74 -12.47 -7.35 -3.40
C LEU B 74 -11.45 -8.01 -4.30
N SER B 75 -10.48 -8.67 -3.70
CA SER B 75 -9.41 -9.33 -4.46
C SER B 75 -9.89 -10.56 -5.26
N LEU B 76 -11.04 -11.11 -4.89
CA LEU B 76 -11.64 -12.22 -5.62
C LEU B 76 -12.87 -11.74 -6.36
N SER B 77 -13.00 -12.15 -7.62
CA SER B 77 -14.21 -11.90 -8.40
C SER B 77 -15.35 -12.79 -7.91
N PHE B 78 -16.57 -12.48 -8.33
CA PHE B 78 -17.67 -13.34 -7.89
C PHE B 78 -17.40 -14.78 -8.29
N ASP B 79 -16.91 -14.97 -9.50
CA ASP B 79 -16.65 -16.31 -10.02
C ASP B 79 -15.61 -17.06 -9.16
N GLU B 80 -14.51 -16.38 -8.83
CA GLU B 80 -13.48 -16.97 -7.95
C GLU B 80 -14.02 -17.27 -6.55
N PHE B 81 -14.85 -16.36 -6.04
CA PHE B 81 -15.53 -16.48 -4.74
C PHE B 81 -16.34 -17.78 -4.72
N THR B 82 -17.17 -18.01 -5.75
CA THR B 82 -18.00 -19.23 -5.79
C THR B 82 -17.16 -20.50 -5.92
N LYS B 83 -16.03 -20.45 -6.63
CA LYS B 83 -15.13 -21.59 -6.72
C LYS B 83 -14.56 -21.99 -5.36
N VAL B 84 -14.09 -21.03 -4.57
CA VAL B 84 -13.58 -21.32 -3.21
C VAL B 84 -14.70 -21.90 -2.31
N LEU B 85 -15.89 -21.32 -2.38
CA LEU B 85 -17.03 -21.75 -1.56
C LEU B 85 -17.44 -23.19 -1.87
N LYS B 86 -17.60 -23.49 -3.16
CA LYS B 86 -17.96 -24.85 -3.61
C LYS B 86 -16.87 -25.85 -3.23
N ALA B 87 -15.61 -25.50 -3.53
CA ALA B 87 -14.46 -26.36 -3.24
C ALA B 87 -14.38 -26.74 -1.77
N GLY B 88 -14.53 -25.76 -0.88
CA GLY B 88 -14.41 -26.00 0.55
C GLY B 88 -15.59 -26.80 1.12
N ALA B 89 -16.79 -26.50 0.63
CA ALA B 89 -18.01 -27.16 1.09
C ALA B 89 -17.99 -28.63 0.69
N ASP B 90 -17.42 -28.90 -0.49
CA ASP B 90 -17.28 -30.27 -1.02
C ASP B 90 -16.37 -31.16 -0.19
N GLU B 91 -15.61 -30.58 0.73
CA GLU B 91 -14.74 -31.37 1.59
C GLU B 91 -15.45 -31.90 2.84
N PHE B 92 -16.71 -31.55 3.02
CA PHE B 92 -17.49 -31.98 4.19
C PHE B 92 -18.53 -33.01 3.76
N LYS B 93 -18.90 -33.91 4.66
CA LYS B 93 -19.96 -34.89 4.36
C LYS B 93 -21.20 -34.42 5.09
N GLN B 94 -21.50 -33.13 5.01
CA GLN B 94 -22.46 -32.47 5.90
C GLN B 94 -22.57 -31.00 5.52
N GLU B 95 -23.66 -30.33 5.94
CA GLU B 95 -23.82 -28.89 5.68
C GLU B 95 -22.81 -28.07 6.48
N VAL B 96 -22.39 -26.95 5.91
CA VAL B 96 -21.38 -26.10 6.55
C VAL B 96 -21.81 -24.64 6.78
N ARG B 97 -21.23 -24.06 7.82
CA ARG B 97 -21.24 -22.64 8.05
C ARG B 97 -19.93 -22.14 7.38
N ILE B 98 -20.00 -21.03 6.67
CA ILE B 98 -18.82 -20.41 6.04
C ILE B 98 -18.75 -18.93 6.46
N LYS B 99 -17.64 -18.54 7.10
CA LYS B 99 -17.39 -17.14 7.46
C LYS B 99 -16.34 -16.57 6.52
N VAL B 100 -16.62 -15.39 5.99
CA VAL B 100 -15.73 -14.67 5.06
C VAL B 100 -15.29 -13.35 5.68
N TYR B 101 -13.97 -13.17 5.79
CA TYR B 101 -13.37 -11.97 6.37
C TYR B 101 -12.52 -11.27 5.33
N LEU B 102 -12.67 -9.96 5.24
CA LEU B 102 -11.99 -9.11 4.28
C LEU B 102 -11.23 -8.03 5.07
N PHE B 103 -9.95 -7.84 4.81
CA PHE B 103 -9.12 -6.96 5.64
C PHE B 103 -8.87 -5.61 5.00
N PRO B 104 -9.23 -4.52 5.70
CA PRO B 104 -9.01 -3.19 5.16
C PRO B 104 -7.57 -2.93 4.76
N ASP B 105 -7.44 -2.16 3.68
CA ASP B 105 -6.17 -1.80 3.05
C ASP B 105 -5.52 -2.96 2.31
N SER B 106 -5.22 -4.06 2.98
CA SER B 106 -4.60 -5.22 2.33
C SER B 106 -5.50 -5.97 1.35
N GLY B 107 -6.81 -5.94 1.55
CA GLY B 107 -7.72 -6.68 0.67
C GLY B 107 -7.62 -8.21 0.73
N GLU B 108 -6.89 -8.72 1.70
CA GLU B 108 -6.73 -10.15 1.98
C GLU B 108 -8.10 -10.74 2.36
N VAL B 109 -8.35 -11.97 1.91
CA VAL B 109 -9.60 -12.69 2.20
C VAL B 109 -9.35 -13.98 2.97
N LEU B 110 -10.15 -14.21 4.00
CA LEU B 110 -10.04 -15.41 4.82
C LEU B 110 -11.40 -16.08 4.84
N PHE B 111 -11.45 -17.37 4.48
CA PHE B 111 -12.69 -18.14 4.56
C PHE B 111 -12.54 -19.17 5.68
N VAL B 112 -13.57 -19.36 6.50
CA VAL B 112 -13.56 -20.40 7.56
C VAL B 112 -14.79 -21.29 7.38
N PHE B 113 -14.57 -22.56 7.06
CA PHE B 113 -15.63 -23.55 6.88
C PHE B 113 -15.70 -24.44 8.10
N SER B 114 -16.90 -24.66 8.61
CA SER B 114 -17.08 -25.53 9.76
C SER B 114 -18.44 -26.22 9.68
N PRO B 115 -18.57 -27.40 10.31
CA PRO B 115 -19.84 -28.12 10.31
C PRO B 115 -20.99 -27.32 10.91
N LEU B 116 -22.07 -27.21 10.16
CA LEU B 116 -23.28 -26.55 10.64
C LEU B 116 -24.02 -27.57 11.47
N ASN B 117 -24.00 -27.37 12.78
CA ASN B 117 -24.76 -28.22 13.69
C ASN B 117 -25.98 -27.41 14.07
N ILE B 118 -27.13 -27.83 13.55
CA ILE B 118 -28.35 -27.06 13.63
C ILE B 118 -29.42 -27.75 14.51
N PRO B 119 -29.71 -27.15 15.69
CA PRO B 119 -30.67 -27.79 16.61
C PRO B 119 -32.12 -27.57 16.18
N ASP B 120 -33.04 -28.36 16.73
CA ASP B 120 -34.47 -28.15 16.45
C ASP B 120 -34.91 -27.05 17.41
N LEU B 121 -35.23 -25.88 16.86
CA LEU B 121 -35.63 -24.73 17.66
C LEU B 121 -37.12 -24.41 17.52
N GLU B 122 -37.89 -25.33 16.93
CA GLU B 122 -39.36 -25.20 16.78
C GLU B 122 -40.04 -24.77 18.10
N THR B 123 -39.56 -25.34 19.20
CA THR B 123 -40.05 -25.08 20.56
C THR B 123 -39.79 -23.64 21.11
N GLY B 124 -38.95 -22.90 20.39
CA GLY B 124 -38.68 -21.49 20.69
C GLY B 124 -37.53 -21.24 21.62
N VAL B 125 -36.98 -20.03 21.55
CA VAL B 125 -35.84 -19.62 22.36
C VAL B 125 -36.21 -18.46 23.27
N GLU B 126 -35.34 -18.22 24.24
CA GLU B 126 -35.43 -17.10 25.19
CA GLU B 126 -35.48 -17.11 25.15
C GLU B 126 -34.52 -16.00 24.70
N VAL B 127 -34.99 -14.76 24.75
CA VAL B 127 -34.15 -13.62 24.44
C VAL B 127 -34.35 -12.56 25.54
N LYS B 128 -33.37 -11.66 25.66
CA LYS B 128 -33.41 -10.57 26.61
C LYS B 128 -33.10 -9.24 25.93
N ILE B 129 -33.59 -8.13 26.52
CA ILE B 129 -33.27 -6.78 26.03
C ILE B 129 -31.85 -6.52 26.51
N SER B 130 -30.97 -6.17 25.58
CA SER B 130 -29.58 -5.85 25.92
C SER B 130 -29.46 -4.51 26.61
N ASN B 131 -28.43 -4.40 27.43
CA ASN B 131 -27.99 -3.16 28.09
C ASN B 131 -26.99 -2.35 27.23
N VAL B 132 -26.80 -2.75 25.97
CA VAL B 132 -25.90 -2.06 25.05
C VAL B 132 -26.73 -1.45 23.93
N ARG B 133 -26.68 -0.13 23.78
CA ARG B 133 -27.37 0.54 22.69
C ARG B 133 -26.51 0.53 21.43
N ARG B 134 -27.18 0.34 20.30
CA ARG B 134 -26.58 0.36 18.98
C ARG B 134 -25.88 1.71 18.78
N ILE B 135 -24.63 1.66 18.31
CA ILE B 135 -23.75 2.82 18.18
C ILE B 135 -24.44 3.82 17.28
N PRO B 136 -24.48 5.09 17.68
CA PRO B 136 -25.14 6.06 16.81
C PRO B 136 -24.41 6.27 15.47
N ASP B 137 -25.19 6.69 14.47
CA ASP B 137 -24.77 6.96 13.11
C ASP B 137 -23.68 8.04 13.05
N LEU B 138 -23.69 8.97 13.98
CA LEU B 138 -22.66 10.00 14.06
C LEU B 138 -21.28 9.43 14.46
N SER B 139 -21.25 8.17 14.94
CA SER B 139 -20.02 7.53 15.42
C SER B 139 -19.54 6.39 14.50
N THR B 140 -20.49 5.64 13.92
CA THR B 140 -20.17 4.52 13.05
C THR B 140 -21.39 4.23 12.19
N PRO B 141 -21.21 3.90 10.88
CA PRO B 141 -22.44 3.51 10.13
C PRO B 141 -23.13 2.28 10.72
N PRO B 142 -24.46 2.34 10.96
CA PRO B 142 -25.13 1.17 11.53
C PRO B 142 -25.07 -0.11 10.74
N ALA B 143 -24.91 -0.01 9.42
CA ALA B 143 -24.89 -1.19 8.55
C ALA B 143 -23.48 -1.74 8.31
N LEU B 144 -22.44 -1.14 8.93
CA LEU B 144 -21.06 -1.59 8.76
C LEU B 144 -20.75 -2.90 9.52
N LYS B 145 -20.53 -3.98 8.77
CA LYS B 145 -20.23 -5.29 9.34
C LYS B 145 -18.72 -5.42 9.52
N ILE B 146 -18.21 -4.86 10.61
CA ILE B 146 -16.80 -4.91 10.98
C ILE B 146 -16.74 -5.70 12.30
N THR B 147 -15.81 -6.66 12.37
CA THR B 147 -15.73 -7.60 13.50
C THR B 147 -15.51 -7.00 14.88
N GLY B 148 -14.96 -5.79 14.97
CA GLY B 148 -14.64 -5.18 16.26
C GLY B 148 -15.67 -4.21 16.82
N ARG B 149 -16.76 -3.98 16.11
CA ARG B 149 -17.77 -3.02 16.55
C ARG B 149 -18.26 -3.38 17.95
N THR B 150 -18.14 -2.41 18.86
CA THR B 150 -18.26 -2.69 20.30
C THR B 150 -19.69 -2.89 20.79
N ASP B 151 -20.67 -2.42 20.05
CA ASP B 151 -22.06 -2.72 20.42
C ASP B 151 -22.34 -4.22 20.35
N ILE B 152 -21.98 -4.84 19.22
CA ILE B 152 -22.14 -6.28 19.01
C ILE B 152 -21.20 -7.04 19.94
N VAL B 153 -19.93 -6.65 19.98
CA VAL B 153 -18.97 -7.35 20.84
C VAL B 153 -19.44 -7.41 22.30
N LEU B 154 -19.89 -6.29 22.85
CA LEU B 154 -20.30 -6.24 24.25
C LEU B 154 -21.65 -6.90 24.47
N ALA B 155 -22.54 -6.81 23.50
CA ALA B 155 -23.86 -7.42 23.60
C ALA B 155 -23.73 -8.96 23.58
N ARG B 156 -22.83 -9.49 22.76
CA ARG B 156 -22.55 -10.92 22.78
C ARG B 156 -22.18 -11.46 24.15
N ARG B 157 -21.54 -10.66 25.00
CA ARG B 157 -21.10 -11.14 26.32
C ARG B 157 -22.25 -11.22 27.32
N GLU B 158 -23.40 -10.67 26.99
CA GLU B 158 -24.57 -10.76 27.86
C GLU B 158 -25.41 -12.00 27.59
N ILE B 159 -25.03 -12.80 26.60
CA ILE B 159 -25.82 -13.96 26.24
C ILE B 159 -25.49 -15.03 27.27
N VAL B 160 -26.23 -15.07 28.37
N VAL B 160 -26.26 -14.97 28.36
CA VAL B 160 -25.89 -15.99 29.47
CA VAL B 160 -26.20 -15.89 29.47
C VAL B 160 -26.92 -17.13 29.62
C VAL B 160 -27.64 -16.25 29.81
N ASP B 161 -28.17 -16.78 29.87
N ASP B 161 -27.93 -17.53 29.66
CA ASP B 161 -29.20 -17.82 29.96
CA ASP B 161 -29.25 -18.09 29.93
C ASP B 161 -30.27 -17.55 28.91
C ASP B 161 -30.27 -17.60 28.90
N CYS B 162 -29.80 -17.36 27.68
CA CYS B 162 -30.66 -17.00 26.56
C CYS B 162 -29.96 -17.29 25.25
N TYR B 163 -30.71 -17.16 24.16
CA TYR B 163 -30.25 -17.44 22.82
C TYR B 163 -29.52 -16.25 22.21
N ASP B 164 -30.14 -15.08 22.27
CA ASP B 164 -29.56 -13.84 21.77
C ASP B 164 -30.12 -12.70 22.62
N VAL B 165 -29.50 -11.52 22.52
CA VAL B 165 -30.02 -10.32 23.20
C VAL B 165 -30.41 -9.31 22.12
N ILE B 166 -31.31 -8.39 22.48
CA ILE B 166 -31.85 -7.43 21.55
C ILE B 166 -31.25 -6.06 21.77
N LEU B 167 -30.60 -5.52 20.74
CA LEU B 167 -30.06 -4.16 20.80
C LEU B 167 -31.08 -3.16 20.31
N LEU B 168 -31.29 -2.16 21.17
CA LEU B 168 -32.08 -1.00 20.86
C LEU B 168 -31.14 0.13 20.42
N GLY B 169 -31.69 1.12 19.75
CA GLY B 169 -30.97 2.32 19.44
C GLY B 169 -31.09 3.28 20.61
N LEU B 170 -30.34 4.34 20.55
CA LEU B 170 -30.32 5.33 21.60
C LEU B 170 -31.69 5.82 22.01
N ASN B 171 -32.65 5.84 21.08
CA ASN B 171 -33.99 6.32 21.40
C ASN B 171 -34.98 5.26 21.88
N GLY B 172 -34.58 4.00 21.96
CA GLY B 172 -35.48 2.93 22.39
C GLY B 172 -36.16 2.17 21.27
N GLN B 173 -35.83 2.50 20.02
CA GLN B 173 -36.35 1.72 18.90
C GLN B 173 -35.60 0.40 18.84
N VAL B 174 -36.27 -0.65 18.36
CA VAL B 174 -35.65 -1.95 18.12
C VAL B 174 -34.77 -1.90 16.85
N CYS B 175 -33.54 -2.35 16.96
CA CYS B 175 -32.64 -2.46 15.80
C CYS B 175 -32.42 -3.92 15.41
N GLU B 176 -31.78 -4.69 16.28
CA GLU B 176 -31.40 -6.07 15.92
C GLU B 176 -31.00 -6.86 17.14
N GLY B 177 -30.90 -8.17 16.98
CA GLY B 177 -30.26 -9.01 17.96
C GLY B 177 -28.76 -8.95 17.70
N SER B 178 -27.95 -9.52 18.59
CA SER B 178 -26.48 -9.48 18.41
C SER B 178 -26.01 -10.32 17.23
N PHE B 179 -26.81 -11.31 16.80
CA PHE B 179 -26.50 -12.08 15.58
C PHE B 179 -27.71 -12.33 14.66
N SER B 180 -28.77 -11.53 14.81
CA SER B 180 -30.04 -11.78 14.15
C SER B 180 -30.86 -10.53 13.90
N ASN B 181 -31.83 -10.66 12.98
CA ASN B 181 -32.86 -9.63 12.79
C ASN B 181 -34.14 -10.03 13.55
N VAL B 182 -34.95 -9.02 13.87
CA VAL B 182 -36.11 -9.16 14.73
C VAL B 182 -37.38 -8.87 13.94
N PHE B 183 -38.35 -9.75 14.11
CA PHE B 183 -39.68 -9.62 13.54
C PHE B 183 -40.72 -9.80 14.64
N LEU B 184 -41.82 -9.05 14.56
CA LEU B 184 -42.96 -9.26 15.44
CA LEU B 184 -42.96 -9.31 15.43
C LEU B 184 -44.22 -9.44 14.58
N VAL B 185 -45.24 -10.02 15.17
CA VAL B 185 -46.54 -10.18 14.52
C VAL B 185 -47.54 -9.55 15.47
N LYS B 186 -48.37 -8.67 14.94
CA LYS B 186 -49.42 -8.02 15.70
C LYS B 186 -50.64 -7.86 14.79
N GLU B 187 -51.77 -8.42 15.20
CA GLU B 187 -53.01 -8.38 14.42
C GLU B 187 -52.82 -8.83 12.97
N GLY B 188 -52.14 -9.96 12.79
CA GLY B 188 -51.88 -10.52 11.46
C GLY B 188 -50.84 -9.81 10.58
N LYS B 189 -50.22 -8.75 11.08
CA LYS B 189 -49.19 -8.06 10.28
C LYS B 189 -47.80 -8.47 10.73
N LEU B 190 -46.90 -8.70 9.78
CA LEU B 190 -45.52 -8.98 10.08
C LEU B 190 -44.80 -7.64 10.07
N ILE B 191 -44.15 -7.32 11.19
CA ILE B 191 -43.54 -6.02 11.42
C ILE B 191 -42.07 -6.21 11.75
N THR B 192 -41.21 -5.39 11.16
CA THR B 192 -39.77 -5.50 11.39
C THR B 192 -39.14 -4.11 11.27
N PRO B 193 -38.06 -3.85 12.04
CA PRO B 193 -37.34 -2.60 11.88
C PRO B 193 -36.89 -2.31 10.47
N SER B 194 -37.19 -1.09 10.04
CA SER B 194 -36.79 -0.54 8.77
C SER B 194 -35.28 -0.35 8.72
N LEU B 195 -34.75 -0.22 7.51
CA LEU B 195 -33.32 0.06 7.36
C LEU B 195 -32.98 1.42 7.97
N ASP B 196 -33.90 2.38 7.84
CA ASP B 196 -33.82 3.71 8.48
C ASP B 196 -33.74 3.67 10.00
N SER B 197 -34.07 2.54 10.62
CA SER B 197 -33.93 2.41 12.08
C SER B 197 -32.44 2.28 12.47
N GLY B 198 -31.61 1.97 11.48
CA GLY B 198 -30.18 1.83 11.61
C GLY B 198 -29.82 0.44 12.07
N ILE B 199 -29.72 -0.47 11.12
CA ILE B 199 -29.58 -1.89 11.45
C ILE B 199 -28.57 -2.61 10.56
N LEU B 200 -28.11 -3.76 11.01
CA LEU B 200 -27.34 -4.70 10.16
C LEU B 200 -28.36 -5.59 9.49
N ASP B 201 -28.60 -5.40 8.20
CA ASP B 201 -29.63 -6.22 7.50
C ASP B 201 -29.04 -7.47 6.86
N GLY B 202 -29.58 -8.60 7.30
CA GLY B 202 -29.17 -9.90 6.83
C GLY B 202 -30.02 -10.32 5.66
N ILE B 203 -29.47 -11.22 4.87
CA ILE B 203 -30.13 -11.78 3.70
CA ILE B 203 -30.15 -11.76 3.71
C ILE B 203 -31.38 -12.60 4.09
N THR B 204 -31.34 -13.26 5.25
CA THR B 204 -32.49 -14.07 5.71
C THR B 204 -33.73 -13.20 5.95
N ARG B 205 -33.49 -11.97 6.43
CA ARG B 205 -34.55 -10.98 6.67
C ARG B 205 -35.31 -10.65 5.39
N GLU B 206 -34.57 -10.27 4.36
CA GLU B 206 -35.11 -10.00 3.04
C GLU B 206 -35.89 -11.20 2.46
N ASN B 207 -35.37 -12.41 2.64
CA ASN B 207 -36.00 -13.66 2.19
C ASN B 207 -37.33 -13.95 2.89
N VAL B 208 -37.37 -13.70 4.20
CA VAL B 208 -38.60 -13.85 4.98
C VAL B 208 -39.62 -12.79 4.58
N ILE B 209 -39.17 -11.56 4.33
CA ILE B 209 -40.07 -10.50 3.88
C ILE B 209 -40.73 -10.88 2.55
N LYS B 210 -39.93 -11.36 1.59
CA LYS B 210 -40.45 -11.83 0.29
C LYS B 210 -41.40 -13.03 0.44
N LEU B 211 -41.04 -13.96 1.31
CA LEU B 211 -41.92 -15.10 1.61
C LEU B 211 -43.29 -14.60 2.12
N ALA B 212 -43.27 -13.70 3.10
CA ALA B 212 -44.50 -13.18 3.68
C ALA B 212 -45.39 -12.57 2.60
N LYS B 213 -44.80 -11.75 1.72
CA LYS B 213 -45.53 -11.11 0.62
C LYS B 213 -46.14 -12.13 -0.35
N SER B 214 -45.41 -13.21 -0.62
CA SER B 214 -45.91 -14.27 -1.51
C SER B 214 -47.10 -15.00 -0.88
N LEU B 215 -47.17 -15.03 0.45
CA LEU B 215 -48.30 -15.63 1.19
C LEU B 215 -49.37 -14.59 1.54
N GLU B 216 -49.23 -13.39 0.97
CA GLU B 216 -50.15 -12.28 1.23
C GLU B 216 -50.30 -11.90 2.70
N ILE B 217 -49.23 -12.06 3.47
CA ILE B 217 -49.19 -11.61 4.86
C ILE B 217 -48.74 -10.15 4.75
N PRO B 218 -49.50 -9.21 5.33
CA PRO B 218 -49.07 -7.81 5.28
C PRO B 218 -47.71 -7.60 6.00
N VAL B 219 -46.82 -6.80 5.40
CA VAL B 219 -45.51 -6.49 5.95
C VAL B 219 -45.36 -4.97 6.18
N GLU B 220 -44.84 -4.60 7.35
CA GLU B 220 -44.49 -3.21 7.63
C GLU B 220 -43.04 -3.17 8.04
N GLU B 221 -42.23 -2.46 7.28
CA GLU B 221 -40.86 -2.12 7.64
C GLU B 221 -40.94 -0.68 8.11
N ARG B 222 -40.77 -0.50 9.42
CA ARG B 222 -40.92 0.79 10.02
C ARG B 222 -40.09 0.87 11.30
N VAL B 223 -40.13 2.03 11.95
CA VAL B 223 -39.57 2.18 13.26
C VAL B 223 -40.45 1.38 14.24
N VAL B 224 -39.83 0.51 15.02
CA VAL B 224 -40.51 -0.35 15.99
C VAL B 224 -39.98 0.03 17.39
N TRP B 225 -40.84 0.47 18.29
CA TRP B 225 -40.45 0.80 19.65
C TRP B 225 -40.41 -0.44 20.53
N VAL B 226 -39.48 -0.45 21.48
CA VAL B 226 -39.24 -1.64 22.31
C VAL B 226 -40.51 -2.22 22.97
N TRP B 227 -41.36 -1.36 23.51
CA TRP B 227 -42.55 -1.83 24.19
C TRP B 227 -43.52 -2.63 23.28
N GLU B 228 -43.47 -2.40 21.97
CA GLU B 228 -44.30 -3.17 21.05
C GLU B 228 -43.91 -4.66 21.07
N LEU B 229 -42.65 -4.94 21.37
CA LEU B 229 -42.22 -6.36 21.50
C LEU B 229 -42.99 -7.03 22.64
N PHE B 230 -43.22 -6.27 23.72
CA PHE B 230 -43.91 -6.76 24.90
C PHE B 230 -45.41 -6.91 24.71
N GLU B 231 -45.95 -6.30 23.66
CA GLU B 231 -47.38 -6.41 23.34
C GLU B 231 -47.66 -7.24 22.10
N ALA B 232 -46.61 -7.79 21.49
CA ALA B 232 -46.73 -8.55 20.25
C ALA B 232 -47.50 -9.84 20.46
N ASP B 233 -48.17 -10.32 19.42
CA ASP B 233 -48.80 -11.64 19.46
C ASP B 233 -47.78 -12.78 19.25
N GLU B 234 -46.78 -12.50 18.41
CA GLU B 234 -45.71 -13.45 18.12
C GLU B 234 -44.41 -12.66 17.91
N MSE B 235 -43.28 -13.32 18.13
CA MSE B 235 -41.96 -12.72 17.90
C MSE B 235 -41.00 -13.79 17.40
O MSE B 235 -41.07 -14.93 17.82
CB MSE B 235 -41.44 -12.12 19.22
CG MSE B 235 -40.05 -11.49 19.12
SE MSE B 235 -39.47 -10.71 20.77
CE MSE B 235 -37.79 -10.13 20.17
N PHE B 236 -40.12 -13.45 16.45
CA PHE B 236 -39.10 -14.39 15.98
C PHE B 236 -37.85 -13.67 15.49
N LEU B 237 -36.76 -14.44 15.42
CA LEU B 237 -35.48 -13.94 14.93
C LEU B 237 -35.16 -14.57 13.58
N THR B 238 -34.35 -13.88 12.79
CA THR B 238 -33.80 -14.46 11.59
C THR B 238 -32.27 -14.37 11.57
N HIS B 239 -31.62 -15.43 11.13
CA HIS B 239 -30.18 -15.41 10.83
C HIS B 239 -29.82 -16.57 9.91
N THR B 240 -28.67 -16.44 9.24
CA THR B 240 -28.25 -17.33 8.16
C THR B 240 -28.19 -18.80 8.52
N SER B 241 -27.56 -19.15 9.62
CA SER B 241 -27.39 -20.55 9.98
C SER B 241 -28.70 -21.26 10.35
N ALA B 242 -29.67 -20.55 10.95
CA ALA B 242 -30.88 -21.21 11.42
C ALA B 242 -32.16 -20.83 10.68
N GLY B 243 -32.15 -19.77 9.88
CA GLY B 243 -33.38 -19.32 9.19
C GLY B 243 -34.30 -18.61 10.16
N VAL B 244 -35.52 -19.14 10.36
CA VAL B 244 -36.53 -18.54 11.25
C VAL B 244 -36.52 -19.23 12.62
N VAL B 245 -36.30 -18.43 13.68
CA VAL B 245 -36.18 -18.93 15.05
C VAL B 245 -37.28 -18.30 15.93
N PRO B 246 -38.28 -19.10 16.33
CA PRO B 246 -39.34 -18.54 17.17
C PRO B 246 -38.87 -18.15 18.56
N VAL B 247 -39.39 -17.03 19.08
CA VAL B 247 -39.06 -16.59 20.42
C VAL B 247 -40.24 -16.98 21.34
N ARG B 248 -39.99 -17.86 22.32
CA ARG B 248 -41.03 -18.27 23.26
CA ARG B 248 -41.05 -18.26 23.24
C ARG B 248 -41.16 -17.29 24.42
N ARG B 249 -40.07 -16.57 24.71
CA ARG B 249 -40.02 -15.69 25.87
CA ARG B 249 -40.01 -15.70 25.88
C ARG B 249 -39.02 -14.54 25.70
N LEU B 250 -39.46 -13.32 26.06
CA LEU B 250 -38.64 -12.08 26.02
C LEU B 250 -38.56 -11.57 27.45
N ASN B 251 -37.35 -11.56 28.02
CA ASN B 251 -37.16 -11.29 29.44
C ASN B 251 -38.04 -12.28 30.23
N GLU B 252 -39.01 -11.79 31.01
CA GLU B 252 -39.90 -12.66 31.76
C GLU B 252 -41.26 -12.80 31.04
N HIS B 253 -41.38 -12.29 29.82
CA HIS B 253 -42.68 -12.24 29.13
C HIS B 253 -42.82 -13.41 28.18
N SER B 254 -43.73 -14.35 28.48
CA SER B 254 -43.94 -15.51 27.63
C SER B 254 -44.83 -15.20 26.43
N PHE B 255 -44.48 -15.72 25.25
CA PHE B 255 -45.38 -15.70 24.12
C PHE B 255 -46.08 -17.04 23.94
N PHE B 256 -45.40 -18.14 24.24
CA PHE B 256 -45.99 -19.46 24.15
C PHE B 256 -45.18 -20.44 24.94
N GLU B 257 -45.78 -21.60 25.22
CA GLU B 257 -45.16 -22.70 25.98
C GLU B 257 -44.81 -23.91 25.12
N GLU B 258 -45.53 -24.15 24.02
CA GLU B 258 -45.35 -25.38 23.22
C GLU B 258 -44.97 -25.16 21.77
N GLU B 259 -45.76 -24.37 21.06
CA GLU B 259 -45.56 -24.14 19.63
C GLU B 259 -45.87 -22.72 19.26
N PRO B 260 -45.14 -22.16 18.30
CA PRO B 260 -45.36 -20.76 17.92
C PRO B 260 -46.71 -20.50 17.29
N GLY B 261 -47.10 -19.23 17.25
CA GLY B 261 -48.34 -18.80 16.62
C GLY B 261 -48.45 -19.05 15.13
N PRO B 262 -49.65 -18.84 14.57
CA PRO B 262 -49.94 -19.18 13.16
C PRO B 262 -49.06 -18.51 12.09
N VAL B 263 -48.72 -17.23 12.25
CA VAL B 263 -47.90 -16.55 11.24
C VAL B 263 -46.47 -17.10 11.23
N THR B 264 -45.86 -17.26 12.40
CA THR B 264 -44.52 -17.82 12.49
C THR B 264 -44.48 -19.26 11.98
N ALA B 265 -45.46 -20.08 12.39
CA ALA B 265 -45.51 -21.48 11.98
C ALA B 265 -45.61 -21.64 10.46
N THR B 266 -46.43 -20.83 9.81
CA THR B 266 -46.58 -20.80 8.35
C THR B 266 -45.29 -20.39 7.66
N LEU B 267 -44.66 -19.35 8.17
CA LEU B 267 -43.39 -18.87 7.62
C LEU B 267 -42.34 -19.95 7.73
N MSE B 268 -42.21 -20.58 8.90
CA MSE B 268 -41.25 -21.67 9.05
C MSE B 268 -41.50 -22.86 8.11
O MSE B 268 -40.56 -23.37 7.50
CB MSE B 268 -41.23 -22.22 10.47
CG MSE B 268 -40.63 -21.31 11.47
SE MSE B 268 -40.67 -22.07 13.22
CE MSE B 268 -39.33 -23.28 13.10
N GLU B 269 -42.74 -23.30 7.99
CA GLU B 269 -43.01 -24.49 7.21
C GLU B 269 -42.82 -24.25 5.69
N ASN B 270 -42.99 -23.00 5.27
CA ASN B 270 -42.82 -22.58 3.87
C ASN B 270 -41.44 -22.02 3.50
N PHE B 271 -40.57 -21.80 4.50
CA PHE B 271 -39.28 -21.11 4.29
C PHE B 271 -38.35 -21.83 3.29
N GLU B 272 -38.03 -23.07 3.61
CA GLU B 272 -37.09 -23.87 2.82
C GLU B 272 -37.65 -24.15 1.42
N PRO B 273 -38.88 -24.67 1.31
CA PRO B 273 -39.44 -24.76 -0.04
C PRO B 273 -39.34 -23.48 -0.87
N PHE B 274 -39.68 -22.33 -0.27
CA PHE B 274 -39.66 -21.03 -1.00
C PHE B 274 -38.23 -20.54 -1.35
N VAL B 275 -37.36 -20.42 -0.36
CA VAL B 275 -36.05 -19.81 -0.62
C VAL B 275 -35.17 -20.70 -1.50
N LEU B 276 -35.27 -22.02 -1.33
CA LEU B 276 -34.47 -22.94 -2.14
C LEU B 276 -34.93 -23.05 -3.59
N ASN B 277 -36.11 -22.54 -3.94
CA ASN B 277 -36.62 -22.60 -5.32
C ASN B 277 -36.62 -21.25 -6.02
N LEU B 278 -35.92 -20.29 -5.44
CA LEU B 278 -35.83 -18.92 -5.96
C LEU B 278 -34.46 -18.80 -6.67
N GLU B 279 -34.48 -18.44 -7.95
CA GLU B 279 -33.24 -18.41 -8.74
C GLU B 279 -32.24 -17.37 -8.22
N GLU B 280 -32.75 -16.24 -7.74
CA GLU B 280 -31.93 -15.15 -7.21
C GLU B 280 -31.02 -15.60 -6.06
N ASN B 281 -31.38 -16.71 -5.40
CA ASN B 281 -30.56 -17.29 -4.34
C ASN B 281 -29.54 -18.31 -4.84
N TRP B 282 -29.55 -18.57 -6.14
CA TRP B 282 -28.63 -19.57 -6.75
C TRP B 282 -27.81 -19.09 -7.96
N VAL B 283 -28.03 -17.86 -8.41
CA VAL B 283 -27.27 -17.24 -9.48
C VAL B 283 -25.78 -17.59 -9.39
N GLY B 284 -25.25 -18.23 -10.44
CA GLY B 284 -23.82 -18.51 -10.56
C GLY B 284 -23.26 -19.74 -9.85
N ILE B 285 -24.13 -20.60 -9.31
CA ILE B 285 -23.67 -21.75 -8.53
C ILE B 285 -23.90 -23.08 -9.26
N HIS C 11 9.74 26.61 -5.30
CA HIS C 11 8.67 25.58 -5.10
C HIS C 11 7.31 26.14 -4.60
N HIS C 12 6.34 26.22 -5.53
CA HIS C 12 4.90 26.29 -5.19
C HIS C 12 4.36 24.86 -5.51
N VAL C 13 5.24 23.89 -5.26
CA VAL C 13 5.04 22.47 -5.42
C VAL C 13 4.85 21.86 -4.02
N LEU C 14 3.82 21.02 -3.85
CA LEU C 14 3.59 20.31 -2.59
C LEU C 14 3.92 18.83 -2.75
N ILE C 15 4.64 18.25 -1.80
CA ILE C 15 4.93 16.83 -1.87
C ILE C 15 4.41 16.10 -0.63
N TRP C 16 4.05 14.83 -0.82
CA TRP C 16 3.74 13.92 0.28
C TRP C 16 4.83 12.87 0.27
N TRP C 17 5.47 12.70 1.42
CA TRP C 17 6.62 11.81 1.53
C TRP C 17 6.78 11.29 2.96
N ARG C 18 6.93 9.97 3.10
CA ARG C 18 7.10 9.32 4.40
C ARG C 18 6.15 9.90 5.45
N GLY C 19 4.86 9.82 5.17
CA GLY C 19 3.84 10.18 6.14
C GLY C 19 3.40 11.61 6.29
N LYS C 20 4.03 12.56 5.62
CA LYS C 20 3.66 13.95 5.80
C LYS C 20 3.72 14.78 4.51
N PHE C 21 2.89 15.82 4.45
CA PHE C 21 3.00 16.81 3.40
C PHE C 21 4.21 17.71 3.72
N ARG C 22 4.91 18.15 2.69
CA ARG C 22 6.15 18.93 2.80
C ARG C 22 6.27 19.91 1.65
N ARG C 23 6.89 21.05 1.92
CA ARG C 23 7.27 21.99 0.86
C ARG C 23 8.39 21.35 0.02
N ALA C 24 8.29 21.45 -1.31
CA ALA C 24 9.33 20.91 -2.21
C ALA C 24 10.64 21.72 -2.19
N ASP C 25 10.83 22.53 -1.15
CA ASP C 25 12.10 23.23 -0.90
C ASP C 25 13.25 22.21 -1.17
N GLU C 26 13.19 21.09 -0.44
CA GLU C 26 14.11 19.96 -0.67
C GLU C 26 13.47 18.63 -0.21
N ILE C 27 14.12 17.53 -0.64
CA ILE C 27 13.75 16.16 -0.22
C ILE C 27 14.93 15.50 0.52
N SER C 28 14.62 15.00 1.72
CA SER C 28 15.57 14.31 2.55
C SER C 28 15.33 12.82 2.42
N LEU C 29 16.26 12.11 1.80
CA LEU C 29 16.11 10.67 1.70
C LEU C 29 17.40 9.91 2.01
N ASP C 30 17.22 8.65 2.38
CA ASP C 30 18.31 7.70 2.61
C ASP C 30 19.14 7.55 1.33
N PHE C 31 20.45 7.69 1.46
CA PHE C 31 21.30 7.60 0.28
C PHE C 31 21.14 6.24 -0.45
N SER C 32 20.96 5.15 0.30
CA SER C 32 20.77 3.82 -0.32
C SER C 32 19.51 3.81 -1.19
N LEU C 33 18.47 4.54 -0.76
CA LEU C 33 17.24 4.69 -1.55
C LEU C 33 17.50 5.54 -2.81
N PHE C 34 18.33 6.58 -2.67
CA PHE C 34 18.67 7.42 -3.82
C PHE C 34 19.39 6.64 -4.93
N GLU C 35 20.34 5.81 -4.50
CA GLU C 35 21.17 5.02 -5.42
C GLU C 35 20.28 4.00 -6.17
N LYS C 36 19.36 3.38 -5.43
CA LYS C 36 18.44 2.40 -6.00
C LYS C 36 17.41 3.06 -6.94
N SER C 37 17.00 4.29 -6.65
CA SER C 37 16.03 5.02 -7.48
C SER C 37 16.58 5.42 -8.87
N LEU C 38 17.89 5.30 -9.04
CA LEU C 38 18.55 5.49 -10.34
C LEU C 38 18.15 4.42 -11.37
N GLN C 39 17.68 3.27 -10.88
CA GLN C 39 17.11 2.19 -11.70
C GLN C 39 15.72 2.50 -12.23
N GLY C 40 15.06 3.45 -11.59
CA GLY C 40 13.77 3.96 -12.06
C GLY C 40 12.69 3.81 -11.02
N ALA C 41 11.67 4.62 -11.14
CA ALA C 41 10.51 4.57 -10.24
C ALA C 41 9.28 4.30 -11.11
N VAL C 42 8.37 3.46 -10.63
CA VAL C 42 7.09 3.25 -11.29
CA VAL C 42 7.12 3.29 -11.36
C VAL C 42 6.27 4.51 -11.01
N TYR C 43 5.49 4.97 -11.96
CA TYR C 43 4.74 6.20 -11.73
C TYR C 43 3.42 6.28 -12.48
N GLU C 44 2.62 7.24 -12.02
CA GLU C 44 1.33 7.61 -12.62
C GLU C 44 1.20 9.11 -12.54
N THR C 45 0.42 9.67 -13.46
CA THR C 45 0.13 11.10 -13.47
CA THR C 45 0.14 11.11 -13.52
C THR C 45 -1.38 11.29 -13.55
N LEU C 46 -1.87 12.19 -12.70
CA LEU C 46 -3.27 12.50 -12.65
C LEU C 46 -3.47 14.01 -12.78
N ARG C 47 -4.70 14.40 -13.09
CA ARG C 47 -5.13 15.78 -12.95
C ARG C 47 -6.45 15.84 -12.15
N THR C 48 -6.84 17.04 -11.78
CA THR C 48 -8.12 17.29 -11.12
C THR C 48 -9.09 18.01 -12.07
N TYR C 49 -10.38 17.81 -11.81
CA TYR C 49 -11.49 18.63 -12.38
C TYR C 49 -12.27 19.10 -11.16
N SER C 50 -12.40 20.43 -10.99
CA SER C 50 -13.01 21.04 -9.80
C SER C 50 -12.30 20.61 -8.55
N ARG C 51 -10.99 20.45 -8.66
CA ARG C 51 -10.10 20.07 -7.57
C ARG C 51 -10.31 18.65 -7.05
N ALA C 52 -11.05 17.82 -7.78
CA ALA C 52 -11.23 16.42 -7.41
C ALA C 52 -10.34 15.55 -8.32
N PRO C 53 -9.55 14.64 -7.75
CA PRO C 53 -8.70 13.79 -8.60
C PRO C 53 -9.44 12.88 -9.60
N PHE C 54 -9.04 13.00 -10.87
CA PHE C 54 -9.77 12.34 -11.97
C PHE C 54 -9.27 10.93 -12.22
N ALA C 55 -10.21 10.01 -12.39
CA ALA C 55 -9.91 8.63 -12.75
C ALA C 55 -8.95 7.99 -11.76
N ALA C 56 -9.11 8.29 -10.47
CA ALA C 56 -8.18 7.83 -9.44
C ALA C 56 -8.06 6.32 -9.36
N TYR C 57 -9.19 5.60 -9.35
CA TYR C 57 -9.14 4.13 -9.30
C TYR C 57 -8.48 3.53 -10.55
N LYS C 58 -8.80 4.08 -11.72
CA LYS C 58 -8.15 3.65 -12.96
C LYS C 58 -6.63 3.82 -12.93
N HIS C 59 -6.17 4.94 -12.41
CA HIS C 59 -4.75 5.16 -12.24
C HIS C 59 -4.12 4.22 -11.20
N TYR C 60 -4.87 3.92 -10.13
CA TYR C 60 -4.37 3.06 -9.04
C TYR C 60 -4.14 1.64 -9.57
N THR C 61 -5.10 1.12 -10.34
CA THR C 61 -5.01 -0.21 -10.90
C THR C 61 -3.82 -0.28 -11.90
N ARG C 62 -3.61 0.76 -12.71
CA ARG C 62 -2.43 0.82 -13.60
CA ARG C 62 -2.44 0.79 -13.60
C ARG C 62 -1.12 0.83 -12.80
N LEU C 63 -1.09 1.59 -11.70
CA LEU C 63 0.11 1.66 -10.87
C LEU C 63 0.39 0.28 -10.26
N LYS C 64 -0.64 -0.40 -9.80
CA LYS C 64 -0.52 -1.77 -9.29
C LYS C 64 0.04 -2.72 -10.35
N ARG C 65 -0.51 -2.65 -11.57
CA ARG C 65 0.01 -3.45 -12.65
CA ARG C 65 0.01 -3.43 -12.70
C ARG C 65 1.48 -3.13 -12.97
N SER C 66 1.85 -1.84 -13.05
CA SER C 66 3.25 -1.47 -13.30
C SER C 66 4.11 -2.05 -12.18
N ALA C 67 3.63 -1.98 -10.93
CA ALA C 67 4.35 -2.55 -9.78
C ALA C 67 4.53 -4.05 -9.95
N ASP C 68 3.51 -4.76 -10.44
CA ASP C 68 3.58 -6.23 -10.58
C ASP C 68 4.58 -6.74 -11.59
N PHE C 69 4.91 -5.93 -12.59
CA PHE C 69 5.97 -6.29 -13.51
C PHE C 69 7.32 -6.42 -12.73
N PHE C 70 7.26 -6.40 -11.37
CA PHE C 70 8.41 -6.62 -10.44
C PHE C 70 8.09 -7.50 -9.21
N ASN C 71 6.88 -8.06 -9.11
CA ASN C 71 6.41 -8.83 -7.93
C ASN C 71 6.62 -8.16 -6.55
N LEU C 72 6.96 -6.86 -6.57
CA LEU C 72 7.18 -6.04 -5.38
C LEU C 72 5.94 -5.15 -5.25
N PRO C 73 4.93 -5.59 -4.46
CA PRO C 73 3.58 -4.99 -4.44
C PRO C 73 3.48 -3.56 -3.88
N LEU C 74 2.25 -3.07 -3.84
CA LEU C 74 1.92 -1.75 -3.33
C LEU C 74 1.79 -1.82 -1.83
N SER C 75 2.46 -0.89 -1.16
CA SER C 75 2.27 -0.69 0.27
C SER C 75 0.94 0.04 0.43
N LEU C 76 0.79 1.07 -0.39
CA LEU C 76 -0.34 2.00 -0.38
C LEU C 76 -1.64 1.35 -0.88
N SER C 77 -2.68 1.47 -0.06
CA SER C 77 -4.00 0.97 -0.44
C SER C 77 -4.69 2.04 -1.27
N PHE C 78 -5.72 1.64 -2.02
CA PHE C 78 -6.51 2.62 -2.76
C PHE C 78 -7.09 3.69 -1.83
N ASP C 79 -7.56 3.28 -0.65
CA ASP C 79 -8.12 4.24 0.29
C ASP C 79 -7.06 5.28 0.71
N GLU C 80 -5.87 4.83 1.08
CA GLU C 80 -4.74 5.71 1.41
C GLU C 80 -4.42 6.70 0.26
N PHE C 81 -4.36 6.15 -0.94
CA PHE C 81 -4.17 6.91 -2.21
C PHE C 81 -5.22 8.03 -2.35
N THR C 82 -6.50 7.68 -2.23
CA THR C 82 -7.55 8.68 -2.35
C THR C 82 -7.44 9.79 -1.31
N LYS C 83 -7.10 9.44 -0.08
CA LYS C 83 -6.95 10.41 1.01
C LYS C 83 -5.84 11.42 0.74
N VAL C 84 -4.67 10.92 0.34
CA VAL C 84 -3.54 11.79 -0.01
C VAL C 84 -3.88 12.66 -1.23
N LEU C 85 -4.43 12.06 -2.28
CA LEU C 85 -4.77 12.82 -3.47
C LEU C 85 -5.73 13.98 -3.18
N LYS C 86 -6.78 13.73 -2.41
CA LYS C 86 -7.78 14.77 -2.13
C LYS C 86 -7.28 15.84 -1.17
N ALA C 87 -6.55 15.45 -0.14
CA ALA C 87 -5.97 16.40 0.82
C ALA C 87 -4.97 17.31 0.13
N GLY C 88 -4.09 16.73 -0.69
CA GLY C 88 -3.14 17.50 -1.45
C GLY C 88 -3.79 18.45 -2.44
N ALA C 89 -4.76 17.98 -3.20
CA ALA C 89 -5.45 18.87 -4.18
C ALA C 89 -6.21 20.00 -3.50
N ASP C 90 -6.76 19.68 -2.33
CA ASP C 90 -7.52 20.64 -1.53
C ASP C 90 -6.72 21.87 -1.08
N GLU C 91 -5.38 21.76 -1.05
CA GLU C 91 -4.56 22.89 -0.65
C GLU C 91 -4.30 23.94 -1.74
N PHE C 92 -4.86 23.76 -2.94
CA PHE C 92 -4.65 24.69 -4.06
C PHE C 92 -5.96 25.38 -4.39
N LYS C 93 -5.87 26.58 -4.96
CA LYS C 93 -7.07 27.34 -5.39
C LYS C 93 -7.17 27.24 -6.91
N GLN C 94 -6.88 26.05 -7.44
CA GLN C 94 -6.65 25.89 -8.85
C GLN C 94 -6.58 24.36 -9.15
N GLU C 95 -6.79 23.97 -10.40
CA GLU C 95 -6.61 22.57 -10.79
C GLU C 95 -5.14 22.23 -10.65
N VAL C 96 -4.85 20.97 -10.32
CA VAL C 96 -3.48 20.50 -10.16
C VAL C 96 -3.17 19.30 -11.02
N ARG C 97 -1.86 19.21 -11.28
CA ARG C 97 -1.20 18.06 -11.85
C ARG C 97 -0.65 17.22 -10.67
N ILE C 98 -0.82 15.90 -10.73
CA ILE C 98 -0.32 15.04 -9.65
C ILE C 98 0.53 13.91 -10.22
N LYS C 99 1.78 13.81 -9.77
CA LYS C 99 2.69 12.72 -10.09
C LYS C 99 2.85 11.84 -8.85
N VAL C 100 2.73 10.53 -9.03
CA VAL C 100 2.86 9.57 -7.97
C VAL C 100 3.97 8.60 -8.35
N TYR C 101 4.99 8.45 -7.48
CA TYR C 101 6.14 7.58 -7.70
C TYR C 101 6.19 6.45 -6.70
N LEU C 102 6.51 5.26 -7.14
CA LEU C 102 6.64 4.09 -6.27
C LEU C 102 8.06 3.57 -6.43
N PHE C 103 8.78 3.46 -5.30
CA PHE C 103 10.22 3.20 -5.31
C PHE C 103 10.66 1.76 -5.14
N PRO C 104 11.81 1.42 -5.81
CA PRO C 104 12.47 0.11 -5.86
C PRO C 104 12.68 -0.50 -4.49
N ASP C 105 12.16 -1.73 -4.36
CA ASP C 105 12.28 -2.56 -3.16
C ASP C 105 11.42 -2.03 -2.03
N SER C 106 11.67 -0.79 -1.58
CA SER C 106 10.95 -0.23 -0.42
C SER C 106 9.44 -0.17 -0.58
N GLY C 107 8.95 0.11 -1.79
CA GLY C 107 7.51 0.29 -2.01
C GLY C 107 7.00 1.62 -1.43
N GLU C 108 7.92 2.53 -1.17
CA GLU C 108 7.60 3.82 -0.62
C GLU C 108 7.03 4.65 -1.75
N VAL C 109 6.10 5.54 -1.42
CA VAL C 109 5.42 6.36 -2.41
C VAL C 109 5.72 7.82 -2.15
N LEU C 110 5.87 8.57 -3.23
CA LEU C 110 6.05 10.01 -3.23
C LEU C 110 4.98 10.59 -4.15
N PHE C 111 4.27 11.59 -3.64
CA PHE C 111 3.31 12.35 -4.43
C PHE C 111 3.88 13.74 -4.61
N VAL C 112 3.70 14.29 -5.82
CA VAL C 112 4.07 15.65 -6.14
C VAL C 112 2.84 16.36 -6.73
N PHE C 113 2.41 17.45 -6.10
CA PHE C 113 1.27 18.26 -6.55
C PHE C 113 1.78 19.62 -7.01
N SER C 114 1.29 20.07 -8.16
CA SER C 114 1.71 21.35 -8.72
C SER C 114 0.60 21.97 -9.57
N PRO C 115 0.58 23.31 -9.66
CA PRO C 115 -0.50 23.94 -10.45
C PRO C 115 -0.57 23.44 -11.91
N LEU C 116 -1.78 23.17 -12.39
CA LEU C 116 -1.97 22.71 -13.74
C LEU C 116 -2.15 23.92 -14.64
N ASN C 117 -1.17 24.18 -15.49
CA ASN C 117 -1.30 25.27 -16.44
C ASN C 117 -1.41 24.64 -17.82
N ILE C 118 -2.62 24.58 -18.35
CA ILE C 118 -2.85 24.04 -19.69
C ILE C 118 -3.17 25.19 -20.63
N PRO C 119 -2.38 25.32 -21.71
CA PRO C 119 -2.55 26.44 -22.64
C PRO C 119 -3.68 26.22 -23.65
N ASP C 120 -3.89 27.22 -24.51
CA ASP C 120 -4.89 27.14 -25.58
C ASP C 120 -4.35 26.24 -26.69
N LEU C 121 -5.09 25.16 -26.97
CA LEU C 121 -4.71 24.18 -28.00
C LEU C 121 -5.80 24.07 -29.07
N GLU C 122 -6.63 25.10 -29.20
CA GLU C 122 -7.69 25.16 -30.21
C GLU C 122 -7.10 25.24 -31.64
N THR C 123 -5.98 25.94 -31.81
CA THR C 123 -5.28 25.96 -33.09
C THR C 123 -4.41 24.70 -33.37
N GLY C 124 -4.35 23.76 -32.44
CA GLY C 124 -3.60 22.52 -32.65
C GLY C 124 -2.10 22.65 -32.43
N VAL C 125 -1.42 21.50 -32.47
CA VAL C 125 -0.01 21.42 -32.18
C VAL C 125 0.73 20.76 -33.35
N GLU C 126 2.05 20.87 -33.33
CA GLU C 126 2.89 20.20 -34.26
C GLU C 126 3.58 19.02 -33.59
N VAL C 127 3.66 17.89 -34.31
CA VAL C 127 4.37 16.68 -33.87
C VAL C 127 5.33 16.21 -34.97
N LYS C 128 6.27 15.34 -34.60
CA LYS C 128 7.25 14.77 -35.53
C LYS C 128 7.40 13.29 -35.23
N ILE C 129 7.76 12.52 -36.25
CA ILE C 129 8.14 11.13 -36.07
C ILE C 129 9.44 11.11 -35.25
N SER C 130 9.45 10.30 -34.20
CA SER C 130 10.66 10.11 -33.39
C SER C 130 11.65 9.23 -34.14
N ASN C 131 12.95 9.48 -33.90
CA ASN C 131 14.04 8.60 -34.34
C ASN C 131 14.31 7.42 -33.38
N VAL C 132 13.44 7.27 -32.39
CA VAL C 132 13.52 6.22 -31.40
C VAL C 132 12.31 5.32 -31.58
N ARG C 133 12.54 4.01 -31.80
CA ARG C 133 11.40 3.07 -31.86
C ARG C 133 10.98 2.65 -30.47
N ARG C 134 9.68 2.42 -30.31
CA ARG C 134 9.09 1.90 -29.08
C ARG C 134 9.70 0.55 -28.78
N ILE C 135 10.11 0.32 -27.52
CA ILE C 135 10.73 -0.96 -27.14
C ILE C 135 9.68 -2.09 -27.27
N PRO C 136 10.04 -3.21 -27.95
CA PRO C 136 9.05 -4.27 -28.13
C PRO C 136 8.80 -5.09 -26.85
N ASP C 137 7.67 -5.76 -26.82
CA ASP C 137 7.26 -6.53 -25.66
C ASP C 137 8.29 -7.61 -25.22
N LEU C 138 9.06 -8.20 -26.13
CA LEU C 138 10.05 -9.21 -25.70
C LEU C 138 11.20 -8.60 -24.83
N SER C 139 11.41 -7.27 -24.89
CA SER C 139 12.46 -6.60 -24.12
C SER C 139 11.91 -5.87 -22.89
N THR C 140 10.69 -5.35 -22.98
CA THR C 140 10.08 -4.64 -21.85
C THR C 140 8.57 -4.52 -22.10
N PRO C 141 7.73 -4.76 -21.07
CA PRO C 141 6.30 -4.52 -21.23
C PRO C 141 6.03 -3.03 -21.58
N PRO C 142 5.35 -2.74 -22.70
CA PRO C 142 4.97 -1.37 -23.06
C PRO C 142 4.18 -0.62 -22.01
N ALA C 143 3.34 -1.33 -21.26
CA ALA C 143 2.54 -0.75 -20.16
C ALA C 143 3.34 -0.46 -18.86
N LEU C 144 4.61 -0.87 -18.77
CA LEU C 144 5.43 -0.50 -17.59
C LEU C 144 5.76 1.01 -17.65
N LYS C 145 5.11 1.83 -16.81
CA LYS C 145 5.44 3.25 -16.69
C LYS C 145 6.52 3.34 -15.62
N ILE C 146 7.76 3.45 -16.08
CA ILE C 146 8.92 3.54 -15.21
C ILE C 146 9.74 4.73 -15.71
N THR C 147 10.29 5.49 -14.77
CA THR C 147 10.91 6.79 -15.11
C THR C 147 12.17 6.69 -16.00
N GLY C 148 12.89 5.58 -15.94
CA GLY C 148 14.13 5.48 -16.69
C GLY C 148 14.06 4.74 -18.01
N ARG C 149 12.86 4.34 -18.43
CA ARG C 149 12.76 3.57 -19.67
C ARG C 149 13.33 4.40 -20.84
N THR C 150 14.23 3.78 -21.59
CA THR C 150 15.11 4.54 -22.48
C THR C 150 14.46 4.94 -23.81
N ASP C 151 13.38 4.26 -24.23
CA ASP C 151 12.66 4.73 -25.40
C ASP C 151 12.02 6.10 -25.12
N ILE C 152 11.38 6.23 -23.97
CA ILE C 152 10.75 7.48 -23.58
C ILE C 152 11.80 8.55 -23.23
N VAL C 153 12.82 8.18 -22.47
CA VAL C 153 13.84 9.14 -22.08
C VAL C 153 14.53 9.73 -23.31
N LEU C 154 14.95 8.88 -24.26
CA LEU C 154 15.64 9.37 -25.44
C LEU C 154 14.72 10.16 -26.38
N ALA C 155 13.47 9.72 -26.51
CA ALA C 155 12.51 10.37 -27.38
C ALA C 155 12.15 11.76 -26.83
N ARG C 156 12.03 11.91 -25.51
CA ARG C 156 11.72 13.22 -24.94
C ARG C 156 12.77 14.26 -25.30
N ARG C 157 14.01 13.84 -25.54
CA ARG C 157 15.07 14.80 -25.84
C ARG C 157 14.91 15.40 -27.22
N GLU C 158 14.09 14.81 -28.06
CA GLU C 158 13.85 15.31 -29.43
C GLU C 158 12.73 16.35 -29.47
N ILE C 159 12.04 16.54 -28.35
CA ILE C 159 10.95 17.49 -28.30
C ILE C 159 11.58 18.90 -28.15
N VAL C 160 11.89 19.53 -29.28
CA VAL C 160 12.48 20.87 -29.33
C VAL C 160 11.54 21.95 -29.96
N ASP C 161 11.23 21.91 -31.26
CA ASP C 161 10.26 22.93 -31.81
C ASP C 161 8.90 22.23 -32.00
N CYS C 162 8.47 21.43 -31.04
CA CYS C 162 7.21 20.68 -31.20
C CYS C 162 6.58 20.25 -29.86
N TYR C 163 5.40 19.68 -29.95
CA TYR C 163 4.62 19.35 -28.77
C TYR C 163 4.97 17.97 -28.22
N ASP C 164 5.03 16.97 -29.09
CA ASP C 164 5.41 15.61 -28.77
C ASP C 164 5.99 14.96 -30.03
N VAL C 165 6.69 13.85 -29.83
CA VAL C 165 7.21 13.07 -30.93
C VAL C 165 6.45 11.75 -30.92
N ILE C 166 6.27 11.16 -32.10
CA ILE C 166 5.50 9.93 -32.31
C ILE C 166 6.44 8.76 -32.48
N LEU C 167 6.39 7.83 -31.54
CA LEU C 167 7.20 6.64 -31.60
C LEU C 167 6.49 5.58 -32.40
N LEU C 168 7.22 4.98 -33.36
CA LEU C 168 6.72 3.87 -34.13
C LEU C 168 7.24 2.61 -33.48
N GLY C 169 6.60 1.47 -33.74
CA GLY C 169 7.17 0.20 -33.33
C GLY C 169 8.24 -0.23 -34.31
N LEU C 170 8.83 -1.40 -34.06
CA LEU C 170 9.89 -1.91 -34.90
C LEU C 170 9.46 -2.13 -36.35
N ASN C 171 8.19 -2.38 -36.57
CA ASN C 171 7.70 -2.66 -37.92
C ASN C 171 7.14 -1.44 -38.63
N GLY C 172 7.26 -0.26 -38.03
CA GLY C 172 6.74 0.95 -38.63
C GLY C 172 5.26 1.16 -38.36
N GLN C 173 4.69 0.41 -37.42
CA GLN C 173 3.34 0.71 -36.94
C GLN C 173 3.41 1.90 -35.98
N VAL C 174 2.34 2.70 -35.98
CA VAL C 174 2.18 3.79 -35.02
C VAL C 174 1.88 3.17 -33.67
N CYS C 175 2.72 3.55 -32.69
CA CYS C 175 2.47 3.17 -31.31
C CYS C 175 1.80 4.37 -30.61
N GLU C 176 2.61 5.34 -30.22
CA GLU C 176 2.09 6.48 -29.43
C GLU C 176 3.10 7.59 -29.35
N GLY C 177 2.68 8.72 -28.81
CA GLY C 177 3.60 9.82 -28.53
C GLY C 177 4.39 9.48 -27.28
N SER C 178 5.43 10.26 -26.96
CA SER C 178 6.26 9.99 -25.79
C SER C 178 5.50 10.20 -24.47
N PHE C 179 4.43 11.00 -24.49
CA PHE C 179 3.58 11.16 -23.30
C PHE C 179 2.09 11.10 -23.61
N SER C 180 1.73 10.60 -24.78
CA SER C 180 0.33 10.65 -25.24
C SER C 180 0.00 9.51 -26.17
N ASN C 181 -1.30 9.26 -26.36
CA ASN C 181 -1.79 8.29 -27.33
C ASN C 181 -2.22 9.02 -28.61
N VAL C 182 -2.29 8.29 -29.71
CA VAL C 182 -2.54 8.84 -31.05
C VAL C 182 -3.86 8.33 -31.64
N PHE C 183 -4.62 9.26 -32.18
CA PHE C 183 -5.85 8.98 -32.94
C PHE C 183 -5.78 9.66 -34.32
N LEU C 184 -6.41 9.04 -35.30
CA LEU C 184 -6.58 9.62 -36.63
CA LEU C 184 -6.55 9.60 -36.65
C LEU C 184 -8.02 9.42 -37.07
N VAL C 185 -8.48 10.28 -37.99
CA VAL C 185 -9.83 10.21 -38.56
C VAL C 185 -9.63 10.09 -40.07
N LYS C 186 -10.33 9.12 -40.66
CA LYS C 186 -10.27 8.90 -42.08
C LYS C 186 -11.65 8.46 -42.52
N GLU C 187 -12.23 9.23 -43.44
CA GLU C 187 -13.55 8.99 -43.99
C GLU C 187 -14.61 8.80 -42.90
N GLY C 188 -14.54 9.69 -41.90
CA GLY C 188 -15.45 9.68 -40.78
C GLY C 188 -15.29 8.58 -39.75
N LYS C 189 -14.26 7.74 -39.85
CA LYS C 189 -14.02 6.66 -38.88
C LYS C 189 -12.89 7.08 -37.97
N LEU C 190 -13.03 6.84 -36.67
CA LEU C 190 -12.01 7.17 -35.69
C LEU C 190 -11.12 5.94 -35.51
N ILE C 191 -9.82 6.11 -35.72
CA ILE C 191 -8.89 5.00 -35.76
C ILE C 191 -7.75 5.25 -34.77
N THR C 192 -7.40 4.22 -34.00
CA THR C 192 -6.32 4.33 -33.05
C THR C 192 -5.58 2.99 -32.94
N PRO C 193 -4.24 3.03 -32.72
CA PRO C 193 -3.53 1.78 -32.49
C PRO C 193 -4.12 0.90 -31.41
N SER C 194 -4.24 -0.38 -31.71
CA SER C 194 -4.67 -1.39 -30.74
C SER C 194 -3.62 -1.54 -29.64
N LEU C 195 -4.04 -2.04 -28.49
CA LEU C 195 -3.07 -2.31 -27.41
C LEU C 195 -1.98 -3.34 -27.85
N ASP C 196 -2.35 -4.31 -28.69
CA ASP C 196 -1.43 -5.30 -29.29
C ASP C 196 -0.32 -4.73 -30.15
N SER C 197 -0.47 -3.48 -30.60
CA SER C 197 0.57 -2.74 -31.35
C SER C 197 1.79 -2.49 -30.45
N GLY C 198 1.59 -2.52 -29.13
CA GLY C 198 2.66 -2.37 -28.17
C GLY C 198 2.68 -1.00 -27.56
N ILE C 199 1.54 -0.62 -26.99
CA ILE C 199 1.34 0.71 -26.44
C ILE C 199 0.86 0.69 -24.97
N LEU C 200 0.91 1.86 -24.37
CA LEU C 200 0.32 2.09 -23.07
C LEU C 200 -1.19 2.27 -23.22
N ASP C 201 -1.96 1.61 -22.35
CA ASP C 201 -3.40 1.77 -22.31
C ASP C 201 -3.80 3.09 -21.60
N GLY C 202 -3.66 4.22 -22.29
CA GLY C 202 -3.97 5.51 -21.70
C GLY C 202 -5.41 5.62 -21.20
N ILE C 203 -5.59 6.37 -20.12
CA ILE C 203 -6.91 6.59 -19.53
C ILE C 203 -7.71 7.63 -20.35
N THR C 204 -7.04 8.65 -20.89
CA THR C 204 -7.70 9.62 -21.78
C THR C 204 -8.18 8.90 -23.06
N ARG C 205 -7.30 8.06 -23.62
CA ARG C 205 -7.61 7.21 -24.78
C ARG C 205 -8.89 6.41 -24.56
N GLU C 206 -8.92 5.67 -23.45
CA GLU C 206 -10.07 4.82 -23.09
C GLU C 206 -11.38 5.61 -23.08
N ASN C 207 -11.34 6.75 -22.40
CA ASN C 207 -12.46 7.66 -22.31
C ASN C 207 -12.90 8.19 -23.66
N VAL C 208 -11.94 8.54 -24.51
CA VAL C 208 -12.24 9.02 -25.86
C VAL C 208 -12.93 7.97 -26.72
N ILE C 209 -12.51 6.71 -26.60
CA ILE C 209 -13.11 5.61 -27.35
C ILE C 209 -14.58 5.45 -26.92
N LYS C 210 -14.84 5.54 -25.61
CA LYS C 210 -16.20 5.47 -25.08
C LYS C 210 -17.09 6.66 -25.49
N LEU C 211 -16.51 7.87 -25.45
CA LEU C 211 -17.18 9.05 -25.93
C LEU C 211 -17.53 8.88 -27.39
N ALA C 212 -16.57 8.48 -28.22
CA ALA C 212 -16.86 8.27 -29.65
C ALA C 212 -18.04 7.28 -29.87
N LYS C 213 -18.04 6.16 -29.15
CA LYS C 213 -19.09 5.18 -29.29
C LYS C 213 -20.47 5.75 -28.88
N SER C 214 -20.50 6.57 -27.83
CA SER C 214 -21.75 7.17 -27.37
C SER C 214 -22.30 8.20 -28.36
N LEU C 215 -21.43 8.76 -29.20
CA LEU C 215 -21.85 9.70 -30.25
C LEU C 215 -22.07 8.96 -31.57
N GLU C 216 -22.05 7.63 -31.54
CA GLU C 216 -22.16 6.82 -32.76
C GLU C 216 -21.11 7.13 -33.84
N ILE C 217 -19.91 7.52 -33.43
CA ILE C 217 -18.77 7.64 -34.34
C ILE C 217 -18.15 6.25 -34.42
N PRO C 218 -17.99 5.71 -35.64
CA PRO C 218 -17.35 4.41 -35.73
C PRO C 218 -15.90 4.46 -35.23
N VAL C 219 -15.49 3.44 -34.47
CA VAL C 219 -14.14 3.33 -33.89
C VAL C 219 -13.48 2.02 -34.30
N GLU C 220 -12.21 2.10 -34.70
CA GLU C 220 -11.39 0.91 -35.02
C GLU C 220 -10.11 0.95 -34.16
N GLU C 221 -9.91 -0.08 -33.34
CA GLU C 221 -8.68 -0.27 -32.61
C GLU C 221 -7.95 -1.34 -33.38
N ARG C 222 -6.85 -0.97 -34.03
CA ARG C 222 -6.16 -1.94 -34.88
C ARG C 222 -4.71 -1.51 -35.07
N VAL C 223 -3.95 -2.35 -35.78
CA VAL C 223 -2.62 -1.95 -36.22
C VAL C 223 -2.77 -0.81 -37.26
N VAL C 224 -2.08 0.31 -37.00
CA VAL C 224 -2.09 1.48 -37.87
C VAL C 224 -0.66 1.64 -38.39
N TRP C 225 -0.48 1.72 -39.71
CA TRP C 225 0.83 1.93 -40.30
C TRP C 225 1.16 3.41 -40.37
N VAL C 226 2.45 3.76 -40.24
CA VAL C 226 2.86 5.16 -40.16
C VAL C 226 2.34 6.01 -41.33
N TRP C 227 2.33 5.45 -42.54
CA TRP C 227 1.88 6.20 -43.75
C TRP C 227 0.38 6.57 -43.72
N GLU C 228 -0.43 5.86 -42.93
CA GLU C 228 -1.83 6.21 -42.76
C GLU C 228 -1.98 7.58 -42.09
N LEU C 229 -1.03 7.98 -41.24
CA LEU C 229 -1.03 9.33 -40.64
C LEU C 229 -0.92 10.43 -41.69
N PHE C 230 -0.11 10.19 -42.72
CA PHE C 230 0.11 11.14 -43.80
C PHE C 230 -1.06 11.23 -44.76
N GLU C 231 -2.01 10.30 -44.67
CA GLU C 231 -3.20 10.33 -45.52
C GLU C 231 -4.49 10.55 -44.76
N ALA C 232 -4.36 10.79 -43.46
CA ALA C 232 -5.49 10.98 -42.58
C ALA C 232 -6.15 12.33 -42.83
N ASP C 233 -7.46 12.38 -42.58
CA ASP C 233 -8.22 13.64 -42.65
C ASP C 233 -7.95 14.48 -41.39
N GLU C 234 -7.84 13.81 -40.25
CA GLU C 234 -7.55 14.50 -38.98
C GLU C 234 -6.61 13.64 -38.15
N MSE C 235 -5.90 14.28 -37.22
CA MSE C 235 -5.04 13.58 -36.25
C MSE C 235 -5.12 14.30 -34.89
O MSE C 235 -5.26 15.52 -34.82
CB MSE C 235 -3.60 13.52 -36.78
CG MSE C 235 -2.61 12.82 -35.87
SE MSE C 235 -0.87 12.78 -36.58
CE MSE C 235 0.04 12.04 -35.05
N PHE C 236 -5.12 13.54 -33.81
CA PHE C 236 -5.08 14.16 -32.49
C PHE C 236 -4.40 13.25 -31.44
N LEU C 237 -3.95 13.88 -30.36
CA LEU C 237 -3.26 13.22 -29.27
C LEU C 237 -4.19 13.24 -28.09
N THR C 238 -4.02 12.26 -27.20
CA THR C 238 -4.76 12.24 -25.94
C THR C 238 -3.80 12.04 -24.75
N HIS C 239 -3.95 12.85 -23.71
CA HIS C 239 -3.17 12.67 -22.46
C HIS C 239 -3.85 13.38 -21.31
N THR C 240 -3.49 12.97 -20.10
CA THR C 240 -4.18 13.36 -18.85
C THR C 240 -4.37 14.86 -18.64
N SER C 241 -3.28 15.62 -18.69
CA SER C 241 -3.34 17.03 -18.35
C SER C 241 -4.18 17.83 -19.32
N ALA C 242 -4.13 17.50 -20.61
CA ALA C 242 -4.83 18.30 -21.63
C ALA C 242 -6.10 17.71 -22.21
N GLY C 243 -6.34 16.40 -22.11
CA GLY C 243 -7.49 15.76 -22.78
C GLY C 243 -7.18 15.52 -24.25
N VAL C 244 -8.02 16.04 -25.14
CA VAL C 244 -7.90 15.90 -26.59
C VAL C 244 -7.13 17.08 -27.18
N VAL C 245 -6.02 16.79 -27.86
CA VAL C 245 -5.12 17.81 -28.45
C VAL C 245 -5.05 17.63 -29.98
N PRO C 246 -5.66 18.56 -30.73
CA PRO C 246 -5.65 18.50 -32.19
C PRO C 246 -4.23 18.64 -32.77
N VAL C 247 -3.89 17.81 -33.75
CA VAL C 247 -2.61 17.94 -34.43
C VAL C 247 -2.83 18.69 -35.77
N ARG C 248 -2.20 19.86 -35.91
CA ARG C 248 -2.27 20.55 -37.19
C ARG C 248 -1.19 20.18 -38.18
N ARG C 249 -0.08 19.63 -37.71
CA ARG C 249 1.06 19.31 -38.58
C ARG C 249 1.89 18.14 -38.01
N LEU C 250 2.12 17.14 -38.85
CA LEU C 250 3.00 16.00 -38.59
C LEU C 250 4.20 16.10 -39.55
N ASN C 251 5.41 16.25 -39.02
CA ASN C 251 6.60 16.51 -39.85
C ASN C 251 6.29 17.71 -40.77
N GLU C 252 6.37 17.57 -42.09
CA GLU C 252 6.11 18.68 -43.00
C GLU C 252 4.68 18.65 -43.54
N HIS C 253 3.83 17.80 -42.96
CA HIS C 253 2.49 17.55 -43.50
C HIS C 253 1.41 18.20 -42.66
N SER C 254 0.77 19.22 -43.20
CA SER C 254 -0.33 19.95 -42.54
C SER C 254 -1.69 19.28 -42.73
N PHE C 255 -2.43 19.17 -41.64
CA PHE C 255 -3.79 18.63 -41.65
C PHE C 255 -4.79 19.79 -41.74
N PHE C 256 -4.43 20.89 -41.09
CA PHE C 256 -5.24 22.08 -41.09
C PHE C 256 -4.32 23.24 -40.78
N GLU C 257 -4.87 24.43 -40.91
CA GLU C 257 -4.08 25.63 -40.65
CA GLU C 257 -4.15 25.69 -40.74
C GLU C 257 -4.52 26.30 -39.36
N GLU C 258 -5.82 26.53 -39.15
CA GLU C 258 -6.32 27.07 -37.87
C GLU C 258 -7.52 26.30 -37.26
N GLU C 259 -8.33 25.62 -38.08
CA GLU C 259 -9.54 24.90 -37.62
C GLU C 259 -9.35 23.40 -37.49
N PRO C 260 -9.42 22.84 -36.26
CA PRO C 260 -9.41 21.38 -36.12
C PRO C 260 -10.50 20.74 -36.96
N GLY C 261 -10.31 19.47 -37.31
CA GLY C 261 -11.30 18.77 -38.07
C GLY C 261 -12.57 18.58 -37.28
N PRO C 262 -13.66 18.27 -38.00
CA PRO C 262 -14.98 18.12 -37.39
C PRO C 262 -15.09 17.06 -36.27
N VAL C 263 -14.55 15.87 -36.50
CA VAL C 263 -14.61 14.81 -35.50
C VAL C 263 -13.80 15.18 -34.24
N THR C 264 -12.59 15.73 -34.43
CA THR C 264 -11.75 16.17 -33.31
C THR C 264 -12.49 17.22 -32.51
N ALA C 265 -13.07 18.21 -33.21
CA ALA C 265 -13.79 19.32 -32.56
C ALA C 265 -14.95 18.81 -31.71
N THR C 266 -15.77 17.91 -32.25
CA THR C 266 -16.88 17.28 -31.50
C THR C 266 -16.41 16.50 -30.26
N LEU C 267 -15.37 15.70 -30.42
CA LEU C 267 -14.84 14.94 -29.31
C LEU C 267 -14.28 15.85 -28.24
N MSE C 268 -13.61 16.90 -28.68
CA MSE C 268 -12.99 17.85 -27.80
C MSE C 268 -14.00 18.71 -27.02
O MSE C 268 -13.79 18.95 -25.83
CB MSE C 268 -12.05 18.69 -28.63
CG MSE C 268 -11.09 19.57 -27.92
SE MSE C 268 -10.06 20.51 -29.28
CE MSE C 268 -9.16 21.53 -28.11
N GLU C 269 -15.10 19.13 -27.63
CA GLU C 269 -16.09 19.92 -26.90
C GLU C 269 -16.95 19.03 -26.00
N ASN C 270 -17.07 17.75 -26.32
CA ASN C 270 -17.84 16.83 -25.52
C ASN C 270 -17.05 16.09 -24.47
N PHE C 271 -15.72 16.14 -24.52
CA PHE C 271 -14.86 15.37 -23.61
C PHE C 271 -15.18 15.57 -22.12
N GLU C 272 -15.12 16.82 -21.63
CA GLU C 272 -15.32 17.16 -20.21
C GLU C 272 -16.69 16.78 -19.67
N PRO C 273 -17.76 17.28 -20.32
CA PRO C 273 -19.09 16.83 -19.90
C PRO C 273 -19.25 15.31 -19.86
N PHE C 274 -18.67 14.59 -20.82
CA PHE C 274 -18.76 13.14 -20.83
C PHE C 274 -18.04 12.51 -19.64
N VAL C 275 -16.76 12.85 -19.45
CA VAL C 275 -15.98 12.22 -18.37
C VAL C 275 -16.38 12.68 -16.98
N LEU C 276 -16.89 13.92 -16.87
CA LEU C 276 -17.39 14.40 -15.58
C LEU C 276 -18.61 13.63 -15.11
N ASN C 277 -19.35 13.03 -16.02
CA ASN C 277 -20.57 12.32 -15.69
C ASN C 277 -20.48 10.80 -15.81
N LEU C 278 -19.30 10.25 -16.09
CA LEU C 278 -19.13 8.79 -16.18
C LEU C 278 -18.65 8.30 -14.81
N GLU C 279 -19.48 7.53 -14.13
CA GLU C 279 -19.23 7.22 -12.72
C GLU C 279 -17.93 6.45 -12.48
N GLU C 280 -17.54 5.62 -13.45
CA GLU C 280 -16.33 4.82 -13.34
C GLU C 280 -15.05 5.64 -13.20
N ASN C 281 -15.12 6.92 -13.58
CA ASN C 281 -14.00 7.84 -13.46
C ASN C 281 -13.89 8.50 -12.10
N TRP C 282 -14.90 8.26 -11.25
CA TRP C 282 -15.00 8.91 -9.93
C TRP C 282 -15.19 7.97 -8.72
N VAL C 283 -15.16 6.65 -8.91
CA VAL C 283 -15.37 5.73 -7.80
C VAL C 283 -14.32 5.93 -6.70
N GLY C 284 -14.80 6.05 -5.47
CA GLY C 284 -13.98 6.23 -4.27
C GLY C 284 -13.66 7.66 -3.94
N ILE C 285 -14.09 8.60 -4.78
CA ILE C 285 -13.76 10.01 -4.62
C ILE C 285 -14.98 10.80 -4.16
N HIS D 12 29.31 1.04 5.90
CA HIS D 12 30.61 1.73 5.66
C HIS D 12 30.78 2.17 4.18
N VAL D 13 29.89 3.06 3.73
CA VAL D 13 29.89 3.63 2.37
C VAL D 13 30.38 5.09 2.40
N LEU D 14 31.31 5.43 1.52
CA LEU D 14 31.80 6.80 1.41
C LEU D 14 31.39 7.31 0.03
N ILE D 15 30.95 8.56 -0.05
CA ILE D 15 30.66 9.14 -1.34
C ILE D 15 31.50 10.41 -1.61
N TRP D 16 31.75 10.70 -2.89
CA TRP D 16 32.33 11.96 -3.31
C TRP D 16 31.31 12.65 -4.20
N TRP D 17 31.05 13.92 -3.90
CA TRP D 17 29.94 14.64 -4.50
C TRP D 17 30.20 16.12 -4.38
N ARG D 18 30.09 16.81 -5.51
CA ARG D 18 30.23 18.27 -5.56
C ARG D 18 31.43 18.78 -4.75
N GLY D 19 32.62 18.31 -5.09
CA GLY D 19 33.83 18.81 -4.47
C GLY D 19 34.34 18.14 -3.20
N LYS D 20 33.53 17.35 -2.50
CA LYS D 20 34.02 16.73 -1.25
C LYS D 20 33.47 15.35 -0.90
N PHE D 21 34.22 14.67 -0.04
CA PHE D 21 33.85 13.35 0.47
C PHE D 21 32.85 13.51 1.59
N ARG D 22 31.88 12.59 1.65
CA ARG D 22 30.82 12.64 2.64
C ARG D 22 30.44 11.23 3.09
N ARG D 23 29.94 11.13 4.32
CA ARG D 23 29.41 9.87 4.81
C ARG D 23 28.08 9.66 4.08
N ALA D 24 27.84 8.45 3.61
CA ALA D 24 26.62 8.15 2.87
C ALA D 24 25.54 7.75 3.85
N ASP D 25 24.99 8.71 4.59
CA ASP D 25 23.91 8.44 5.54
C ASP D 25 22.55 8.82 4.94
N GLU D 26 22.18 10.11 5.03
CA GLU D 26 20.97 10.64 4.39
C GLU D 26 21.31 11.85 3.52
N ILE D 27 21.22 11.67 2.20
CA ILE D 27 21.40 12.76 1.25
C ILE D 27 20.11 13.63 1.21
N SER D 28 20.27 14.92 1.52
CA SER D 28 19.20 15.91 1.31
C SER D 28 19.49 16.55 -0.04
N LEU D 29 18.49 16.64 -0.92
CA LEU D 29 18.74 17.21 -2.24
C LEU D 29 17.64 18.05 -2.86
N ASP D 30 18.08 18.85 -3.84
CA ASP D 30 17.19 19.64 -4.66
C ASP D 30 16.17 18.63 -5.15
N PHE D 31 14.92 18.79 -4.71
CA PHE D 31 13.87 17.93 -5.18
C PHE D 31 13.84 17.83 -6.73
N SER D 32 14.24 18.91 -7.40
CA SER D 32 14.35 18.93 -8.87
C SER D 32 15.45 18.02 -9.41
N LEU D 33 16.62 17.99 -8.77
CA LEU D 33 17.70 17.08 -9.19
C LEU D 33 17.29 15.64 -8.90
N PHE D 34 16.58 15.42 -7.79
CA PHE D 34 16.11 14.08 -7.47
C PHE D 34 15.14 13.61 -8.53
N GLU D 35 14.24 14.48 -8.93
CA GLU D 35 13.24 14.12 -9.95
C GLU D 35 13.96 13.81 -11.27
N LYS D 36 14.99 14.60 -11.62
CA LYS D 36 15.76 14.36 -12.84
C LYS D 36 16.59 13.10 -12.73
N SER D 37 17.17 12.83 -11.56
CA SER D 37 17.96 11.61 -11.34
C SER D 37 17.16 10.33 -11.59
N LEU D 38 15.83 10.41 -11.54
CA LEU D 38 14.94 9.26 -11.80
C LEU D 38 14.96 8.78 -13.27
N GLN D 39 15.37 9.65 -14.18
CA GLN D 39 15.57 9.27 -15.59
C GLN D 39 16.86 8.44 -15.80
N GLY D 40 17.72 8.45 -14.80
CA GLY D 40 18.92 7.60 -14.80
C GLY D 40 20.20 8.37 -14.96
N ALA D 41 21.29 7.68 -14.70
CA ALA D 41 22.63 8.25 -14.82
C ALA D 41 23.47 7.35 -15.70
N VAL D 42 24.45 7.92 -16.38
CA VAL D 42 25.47 7.14 -17.08
C VAL D 42 26.42 6.58 -16.00
N TYR D 43 26.95 5.38 -16.15
CA TYR D 43 27.77 4.81 -15.08
C TYR D 43 28.97 4.01 -15.54
N GLU D 44 29.93 3.89 -14.60
CA GLU D 44 31.09 3.01 -14.72
C GLU D 44 31.33 2.40 -13.34
N THR D 45 31.84 1.18 -13.32
CA THR D 45 32.12 0.47 -12.06
C THR D 45 33.58 0.00 -12.07
N LEU D 46 34.28 0.25 -10.96
CA LEU D 46 35.68 -0.08 -10.82
C LEU D 46 35.87 -0.87 -9.52
N ARG D 47 37.03 -1.51 -9.42
CA ARG D 47 37.52 -2.10 -8.16
C ARG D 47 38.98 -1.70 -7.96
N THR D 48 39.54 -2.00 -6.78
CA THR D 48 40.94 -1.75 -6.49
C THR D 48 41.73 -3.06 -6.38
N TYR D 49 43.03 -3.00 -6.65
CA TYR D 49 43.99 -4.03 -6.26
C TYR D 49 45.04 -3.31 -5.42
N SER D 50 45.26 -3.79 -4.20
CA SER D 50 46.11 -3.12 -3.20
C SER D 50 45.70 -1.66 -3.00
N ARG D 51 44.39 -1.45 -2.97
CA ARG D 51 43.76 -0.14 -2.77
C ARG D 51 44.03 0.89 -3.88
N ALA D 52 44.60 0.44 -4.99
CA ALA D 52 44.84 1.27 -6.17
C ALA D 52 43.71 0.99 -7.18
N PRO D 53 43.07 2.05 -7.72
CA PRO D 53 42.00 1.85 -8.73
C PRO D 53 42.47 1.18 -10.03
N PHE D 54 41.74 0.16 -10.45
CA PHE D 54 42.12 -0.66 -11.61
C PHE D 54 41.49 -0.18 -12.92
N ALA D 55 42.27 -0.21 -14.00
CA ALA D 55 41.83 0.20 -15.33
C ALA D 55 41.16 1.58 -15.29
N ALA D 56 41.71 2.51 -14.50
CA ALA D 56 41.10 3.83 -14.30
C ALA D 56 40.97 4.65 -15.59
N TYR D 57 42.03 4.67 -16.38
CA TYR D 57 42.04 5.41 -17.64
C TYR D 57 41.05 4.81 -18.64
N LYS D 58 40.99 3.47 -18.67
CA LYS D 58 40.02 2.77 -19.53
C LYS D 58 38.57 3.13 -19.16
N HIS D 59 38.27 3.18 -17.86
CA HIS D 59 36.93 3.52 -17.38
C HIS D 59 36.65 5.00 -17.65
N TYR D 60 37.64 5.86 -17.44
CA TYR D 60 37.50 7.29 -17.78
C TYR D 60 37.12 7.50 -19.25
N THR D 61 37.82 6.84 -20.17
CA THR D 61 37.53 7.02 -21.59
C THR D 61 36.14 6.50 -21.98
N ARG D 62 35.66 5.44 -21.34
CA ARG D 62 34.29 4.99 -21.58
C ARG D 62 33.25 5.96 -21.07
N LEU D 63 33.46 6.50 -19.87
CA LEU D 63 32.58 7.50 -19.29
C LEU D 63 32.52 8.74 -20.18
N LYS D 64 33.67 9.12 -20.77
CA LYS D 64 33.75 10.26 -21.68
C LYS D 64 32.96 10.02 -22.97
N ARG D 65 33.09 8.82 -23.53
CA ARG D 65 32.32 8.37 -24.68
C ARG D 65 30.80 8.45 -24.40
N SER D 66 30.38 7.97 -23.24
CA SER D 66 28.97 8.06 -22.83
C SER D 66 28.52 9.52 -22.71
N ALA D 67 29.35 10.38 -22.10
CA ALA D 67 29.06 11.82 -22.03
C ALA D 67 28.93 12.44 -23.42
N ASP D 68 29.83 12.07 -24.35
CA ASP D 68 29.76 12.55 -25.75
C ASP D 68 28.42 12.20 -26.42
N PHE D 69 27.86 11.01 -26.14
CA PHE D 69 26.55 10.62 -26.69
C PHE D 69 25.46 11.66 -26.39
N PHE D 70 25.53 12.20 -25.19
CA PHE D 70 24.59 13.20 -24.73
C PHE D 70 25.15 14.62 -24.94
N ASN D 71 26.18 14.78 -25.79
CA ASN D 71 26.84 16.09 -26.06
C ASN D 71 27.08 16.89 -24.79
N LEU D 72 27.76 16.24 -23.86
CA LEU D 72 28.02 16.76 -22.53
C LEU D 72 29.52 16.57 -22.26
N PRO D 73 30.18 17.64 -21.81
CA PRO D 73 31.59 17.48 -21.43
C PRO D 73 31.70 16.96 -20.00
N LEU D 74 32.76 16.20 -19.74
CA LEU D 74 33.04 15.77 -18.39
C LEU D 74 33.59 16.96 -17.59
N SER D 75 33.08 17.12 -16.38
CA SER D 75 33.50 18.20 -15.47
C SER D 75 34.85 17.87 -14.85
N LEU D 76 35.15 16.58 -14.76
CA LEU D 76 36.42 16.12 -14.20
C LEU D 76 37.35 15.74 -15.33
N SER D 77 38.57 16.23 -15.24
CA SER D 77 39.64 15.76 -16.11
C SER D 77 40.02 14.35 -15.64
N PHE D 78 40.81 13.63 -16.42
CA PHE D 78 41.32 12.35 -15.99
C PHE D 78 42.11 12.51 -14.69
N ASP D 79 42.94 13.54 -14.64
CA ASP D 79 43.77 13.78 -13.46
C ASP D 79 42.95 13.96 -12.18
N GLU D 80 41.87 14.73 -12.24
CA GLU D 80 40.99 14.95 -11.10
C GLU D 80 40.28 13.65 -10.71
N PHE D 81 39.86 12.89 -11.72
CA PHE D 81 39.20 11.60 -11.57
C PHE D 81 40.06 10.61 -10.77
N THR D 82 41.35 10.50 -11.12
CA THR D 82 42.27 9.59 -10.40
C THR D 82 42.53 10.04 -8.97
N LYS D 83 42.61 11.35 -8.76
CA LYS D 83 42.76 11.90 -7.41
C LYS D 83 41.58 11.53 -6.50
N VAL D 84 40.34 11.69 -6.97
CA VAL D 84 39.16 11.24 -6.21
C VAL D 84 39.24 9.72 -5.93
N LEU D 85 39.51 8.93 -6.96
CA LEU D 85 39.56 7.47 -6.80
C LEU D 85 40.62 7.06 -5.78
N LYS D 86 41.82 7.63 -5.92
CA LYS D 86 42.91 7.36 -4.99
C LYS D 86 42.58 7.76 -3.54
N ALA D 87 42.10 8.99 -3.35
CA ALA D 87 41.77 9.52 -2.04
C ALA D 87 40.69 8.68 -1.35
N GLY D 88 39.62 8.35 -2.06
CA GLY D 88 38.52 7.57 -1.47
C GLY D 88 38.91 6.15 -1.09
N ALA D 89 39.65 5.48 -1.96
CA ALA D 89 40.07 4.11 -1.71
C ALA D 89 41.03 4.04 -0.53
N ASP D 90 41.80 5.11 -0.31
CA ASP D 90 42.75 5.21 0.81
C ASP D 90 42.11 5.24 2.19
N GLU D 91 40.82 5.55 2.26
CA GLU D 91 40.09 5.57 3.52
C GLU D 91 39.69 4.19 4.02
N PHE D 92 39.97 3.13 3.25
CA PHE D 92 39.57 1.76 3.60
C PHE D 92 40.79 0.92 3.89
N LYS D 93 40.61 -0.10 4.73
CA LYS D 93 41.72 -1.00 5.09
C LYS D 93 41.48 -2.32 4.36
N GLN D 94 40.96 -2.21 3.14
CA GLN D 94 40.34 -3.31 2.43
C GLN D 94 40.18 -2.90 0.98
N GLU D 95 40.02 -3.86 0.07
CA GLU D 95 39.73 -3.50 -1.34
C GLU D 95 38.30 -2.93 -1.44
N VAL D 96 38.09 -2.04 -2.39
CA VAL D 96 36.78 -1.42 -2.57
C VAL D 96 36.21 -1.55 -4.00
N ARG D 97 34.88 -1.49 -4.06
CA ARG D 97 34.11 -1.34 -5.26
C ARG D 97 33.84 0.17 -5.36
N ILE D 98 33.95 0.74 -6.55
CA ILE D 98 33.69 2.17 -6.78
C ILE D 98 32.73 2.26 -7.97
N LYS D 99 31.58 2.89 -7.73
CA LYS D 99 30.57 3.16 -8.75
C LYS D 99 30.64 4.64 -9.05
N VAL D 100 30.72 5.01 -10.33
CA VAL D 100 30.78 6.40 -10.75
C VAL D 100 29.53 6.71 -11.59
N TYR D 101 28.77 7.71 -11.18
CA TYR D 101 27.55 8.10 -11.88
C TYR D 101 27.72 9.51 -12.42
N LEU D 102 27.33 9.70 -13.68
CA LEU D 102 27.34 10.98 -14.36
C LEU D 102 25.92 11.29 -14.79
N PHE D 103 25.45 12.47 -14.41
CA PHE D 103 24.08 12.85 -14.72
C PHE D 103 24.03 13.65 -16.01
N PRO D 104 23.30 13.11 -17.04
CA PRO D 104 23.20 13.68 -18.40
C PRO D 104 23.11 15.20 -18.46
N ASP D 105 22.11 15.82 -17.84
CA ASP D 105 21.95 17.26 -18.00
C ASP D 105 22.85 18.12 -17.10
N SER D 106 22.92 17.79 -15.81
CA SER D 106 23.75 18.60 -14.88
C SER D 106 25.27 18.47 -15.10
N GLY D 107 25.73 17.32 -15.59
CA GLY D 107 27.17 17.07 -15.73
C GLY D 107 27.86 16.72 -14.41
N GLU D 108 27.06 16.57 -13.36
CA GLU D 108 27.57 16.19 -12.05
C GLU D 108 28.04 14.73 -12.01
N VAL D 109 29.13 14.49 -11.27
CA VAL D 109 29.64 13.14 -11.06
C VAL D 109 29.52 12.77 -9.58
N LEU D 110 29.05 11.54 -9.32
CA LEU D 110 28.94 11.00 -7.98
C LEU D 110 29.74 9.71 -7.89
N PHE D 111 30.64 9.63 -6.92
CA PHE D 111 31.39 8.41 -6.66
C PHE D 111 30.83 7.77 -5.39
N VAL D 112 30.73 6.44 -5.39
CA VAL D 112 30.24 5.68 -4.23
C VAL D 112 31.27 4.59 -4.01
N PHE D 113 31.97 4.66 -2.88
CA PHE D 113 32.98 3.67 -2.47
C PHE D 113 32.39 2.79 -1.38
N SER D 114 32.63 1.49 -1.47
CA SER D 114 32.11 0.52 -0.50
C SER D 114 33.03 -0.70 -0.47
N PRO D 115 33.05 -1.45 0.65
CA PRO D 115 33.96 -2.59 0.71
C PRO D 115 33.70 -3.68 -0.32
N LEU D 116 34.76 -4.19 -0.94
CA LEU D 116 34.65 -5.28 -1.91
C LEU D 116 34.87 -6.59 -1.18
N ASN D 117 33.78 -7.30 -0.93
CA ASN D 117 33.86 -8.60 -0.27
C ASN D 117 33.64 -9.63 -1.35
N ILE D 118 34.73 -10.14 -1.91
CA ILE D 118 34.63 -11.04 -3.04
C ILE D 118 34.66 -12.48 -2.54
N PRO D 119 33.59 -13.26 -2.85
CA PRO D 119 33.48 -14.65 -2.41
C PRO D 119 34.28 -15.62 -3.27
N ASP D 120 34.50 -16.83 -2.74
CA ASP D 120 35.21 -17.89 -3.49
C ASP D 120 34.23 -18.65 -4.40
N LEU D 121 34.49 -18.57 -5.69
CA LEU D 121 33.62 -19.12 -6.70
C LEU D 121 34.37 -20.18 -7.52
N GLU D 122 35.46 -20.71 -6.96
CA GLU D 122 36.28 -21.72 -7.68
C GLU D 122 35.42 -22.95 -8.05
N THR D 123 34.53 -23.32 -7.13
CA THR D 123 33.50 -24.34 -7.34
C THR D 123 32.42 -24.01 -8.46
N GLY D 124 32.37 -22.79 -8.96
CA GLY D 124 31.47 -22.43 -10.06
C GLY D 124 30.06 -22.06 -9.68
N VAL D 125 29.38 -21.32 -10.55
CA VAL D 125 28.05 -20.80 -10.28
C VAL D 125 26.97 -21.33 -11.22
N GLU D 126 25.72 -21.05 -10.86
CA GLU D 126 24.52 -21.37 -11.65
CA GLU D 126 24.55 -21.36 -11.65
C GLU D 126 24.03 -20.10 -12.36
N VAL D 127 23.71 -20.23 -13.65
CA VAL D 127 23.10 -19.13 -14.40
C VAL D 127 21.86 -19.72 -15.10
N LYS D 128 20.96 -18.84 -15.50
CA LYS D 128 19.75 -19.22 -16.19
C LYS D 128 19.59 -18.32 -17.39
N ILE D 129 18.90 -18.81 -18.42
CA ILE D 129 18.56 -17.98 -19.58
C ILE D 129 17.45 -17.01 -19.15
N SER D 130 17.64 -15.72 -19.40
CA SER D 130 16.65 -14.71 -19.04
C SER D 130 15.49 -14.67 -20.03
N ASN D 131 14.34 -14.25 -19.50
CA ASN D 131 13.14 -13.97 -20.27
C ASN D 131 13.07 -12.55 -20.84
N VAL D 132 14.13 -11.76 -20.67
CA VAL D 132 14.16 -10.37 -21.08
C VAL D 132 15.17 -10.27 -22.22
N ARG D 133 14.74 -9.82 -23.40
CA ARG D 133 15.65 -9.70 -24.52
C ARG D 133 16.33 -8.33 -24.52
N ARG D 134 17.59 -8.30 -24.93
CA ARG D 134 18.33 -7.05 -25.04
C ARG D 134 17.56 -6.02 -25.94
N ILE D 135 17.44 -4.79 -25.47
CA ILE D 135 16.67 -3.77 -26.19
C ILE D 135 17.27 -3.60 -27.60
N PRO D 136 16.41 -3.58 -28.64
CA PRO D 136 16.94 -3.43 -29.98
C PRO D 136 17.61 -2.07 -30.21
N ASP D 137 18.58 -2.08 -31.11
CA ASP D 137 19.36 -0.92 -31.48
C ASP D 137 18.50 0.23 -32.01
N LEU D 138 17.38 -0.06 -32.65
CA LEU D 138 16.47 0.96 -33.12
C LEU D 138 15.75 1.74 -31.96
N SER D 139 15.82 1.21 -30.75
CA SER D 139 15.20 1.78 -29.53
C SER D 139 16.22 2.41 -28.56
N THR D 140 17.42 1.82 -28.48
CA THR D 140 18.48 2.31 -27.58
C THR D 140 19.80 1.69 -28.00
N PRO D 141 20.90 2.47 -27.99
CA PRO D 141 22.23 1.83 -28.27
C PRO D 141 22.53 0.69 -27.32
N PRO D 142 22.88 -0.50 -27.86
CA PRO D 142 23.23 -1.63 -26.98
C PRO D 142 24.35 -1.42 -25.98
N ALA D 143 25.28 -0.51 -26.28
CA ALA D 143 26.42 -0.22 -25.40
C ALA D 143 26.22 0.98 -24.48
N LEU D 144 25.05 1.60 -24.48
CA LEU D 144 24.77 2.73 -23.60
C LEU D 144 24.59 2.26 -22.14
N LYS D 145 25.54 2.65 -21.29
CA LYS D 145 25.55 2.30 -19.89
C LYS D 145 24.77 3.35 -19.12
N ILE D 146 23.45 3.18 -19.04
CA ILE D 146 22.56 4.10 -18.34
C ILE D 146 21.81 3.23 -17.34
N THR D 147 21.68 3.73 -16.12
CA THR D 147 21.18 2.99 -14.95
C THR D 147 19.74 2.47 -15.03
N GLY D 148 18.88 3.16 -15.79
CA GLY D 148 17.49 2.80 -15.92
C GLY D 148 17.13 1.90 -17.10
N ARG D 149 18.10 1.47 -17.88
CA ARG D 149 17.78 0.66 -19.04
C ARG D 149 17.07 -0.63 -18.62
N THR D 150 15.86 -0.83 -19.17
CA THR D 150 14.90 -1.83 -18.64
C THR D 150 15.24 -3.30 -18.96
N ASP D 151 16.06 -3.56 -19.96
CA ASP D 151 16.52 -4.93 -20.20
C ASP D 151 17.33 -5.37 -18.96
N ILE D 152 18.36 -4.61 -18.60
CA ILE D 152 19.18 -4.93 -17.44
C ILE D 152 18.39 -4.92 -16.13
N VAL D 153 17.58 -3.90 -15.93
CA VAL D 153 16.83 -3.71 -14.69
C VAL D 153 15.83 -4.85 -14.48
N LEU D 154 15.13 -5.28 -15.53
CA LEU D 154 14.19 -6.39 -15.38
C LEU D 154 14.92 -7.73 -15.23
N ALA D 155 16.00 -7.94 -15.99
CA ALA D 155 16.74 -9.18 -15.91
C ALA D 155 17.33 -9.38 -14.50
N ARG D 156 17.79 -8.31 -13.87
CA ARG D 156 18.26 -8.39 -12.47
C ARG D 156 17.22 -8.89 -11.49
N ARG D 157 15.94 -8.57 -11.69
CA ARG D 157 14.89 -9.04 -10.78
C ARG D 157 14.61 -10.52 -10.94
N GLU D 158 15.10 -11.13 -12.02
CA GLU D 158 14.94 -12.56 -12.22
C GLU D 158 16.01 -13.38 -11.51
N ILE D 159 17.05 -12.74 -10.98
CA ILE D 159 18.11 -13.49 -10.35
C ILE D 159 17.59 -14.06 -9.03
N VAL D 160 16.92 -15.21 -9.12
CA VAL D 160 16.36 -15.91 -7.95
C VAL D 160 16.98 -17.31 -8.16
C VAL D 160 17.23 -16.93 -7.20
N ASP D 161 17.64 -17.83 -7.15
N ASP D 161 17.53 -18.06 -7.82
CA ASP D 161 18.34 -19.13 -7.19
C ASP D 161 19.43 -19.36 -8.23
N CYS D 162 20.12 -18.27 -8.55
CA CYS D 162 21.24 -18.31 -9.47
C CYS D 162 22.11 -17.05 -9.27
N TYR D 163 23.29 -17.04 -9.89
CA TYR D 163 24.24 -15.96 -9.77
C TYR D 163 23.96 -14.78 -10.72
N ASP D 164 23.59 -15.09 -11.96
CA ASP D 164 23.24 -14.09 -12.96
C ASP D 164 22.34 -14.78 -13.98
N VAL D 165 21.68 -13.98 -14.81
CA VAL D 165 20.88 -14.47 -15.92
C VAL D 165 21.50 -13.98 -17.24
N ILE D 166 21.22 -14.70 -18.31
CA ILE D 166 21.84 -14.44 -19.62
C ILE D 166 20.82 -13.81 -20.54
N LEU D 167 21.06 -12.58 -20.95
CA LEU D 167 20.18 -11.91 -21.91
C LEU D 167 20.56 -12.28 -23.35
N LEU D 168 19.55 -12.67 -24.12
CA LEU D 168 19.69 -12.88 -25.54
C LEU D 168 19.23 -11.63 -26.29
N GLY D 169 19.69 -11.46 -27.51
CA GLY D 169 19.12 -10.49 -28.39
C GLY D 169 17.81 -10.97 -28.94
N LEU D 170 17.13 -10.11 -29.65
CA LEU D 170 15.81 -10.45 -30.20
C LEU D 170 15.85 -11.64 -31.15
N ASN D 171 16.99 -11.88 -31.80
CA ASN D 171 17.10 -13.00 -32.69
C ASN D 171 17.52 -14.31 -32.03
N GLY D 172 17.79 -14.31 -30.72
CA GLY D 172 18.24 -15.54 -30.01
C GLY D 172 19.75 -15.69 -29.87
N GLN D 173 20.53 -14.67 -30.27
CA GLN D 173 21.97 -14.65 -30.06
C GLN D 173 22.27 -14.31 -28.61
N VAL D 174 23.37 -14.84 -28.10
CA VAL D 174 23.83 -14.49 -26.76
C VAL D 174 24.42 -13.08 -26.78
N CYS D 175 23.97 -12.25 -25.85
CA CYS D 175 24.53 -10.90 -25.66
C CYS D 175 25.42 -10.79 -24.42
N GLU D 176 24.81 -10.91 -23.25
CA GLU D 176 25.53 -10.69 -22.00
C GLU D 176 24.72 -11.20 -20.80
N GLY D 177 25.39 -11.36 -19.67
CA GLY D 177 24.68 -11.49 -18.41
C GLY D 177 24.16 -10.11 -17.99
N SER D 178 23.30 -10.07 -16.98
CA SER D 178 22.76 -8.80 -16.47
C SER D 178 23.83 -7.94 -15.80
N PHE D 179 24.93 -8.55 -15.33
CA PHE D 179 26.05 -7.77 -14.82
C PHE D 179 27.43 -8.27 -15.29
N SER D 180 27.43 -9.16 -16.29
CA SER D 180 28.66 -9.81 -16.74
C SER D 180 28.67 -10.02 -18.24
N ASN D 181 29.84 -10.30 -18.81
CA ASN D 181 29.95 -10.82 -20.17
C ASN D 181 30.09 -12.33 -20.15
N VAL D 182 29.77 -12.96 -21.28
CA VAL D 182 29.71 -14.42 -21.40
C VAL D 182 30.80 -14.96 -22.34
N PHE D 183 31.43 -16.04 -21.90
CA PHE D 183 32.43 -16.77 -22.67
C PHE D 183 32.06 -18.26 -22.65
N LEU D 184 32.30 -18.93 -23.77
CA LEU D 184 32.20 -20.39 -23.82
C LEU D 184 33.48 -20.89 -24.43
N VAL D 185 33.79 -22.15 -24.15
CA VAL D 185 34.96 -22.84 -24.71
C VAL D 185 34.44 -24.04 -25.46
N LYS D 186 34.88 -24.23 -26.71
CA LYS D 186 34.48 -25.39 -27.52
C LYS D 186 35.70 -25.93 -28.29
N GLU D 187 36.08 -27.17 -27.99
CA GLU D 187 37.23 -27.84 -28.60
C GLU D 187 38.48 -26.96 -28.59
N GLY D 188 38.82 -26.48 -27.39
CA GLY D 188 40.00 -25.62 -27.21
C GLY D 188 39.90 -24.17 -27.65
N LYS D 189 38.80 -23.77 -28.29
CA LYS D 189 38.64 -22.38 -28.73
C LYS D 189 37.85 -21.60 -27.69
N LEU D 190 38.28 -20.36 -27.43
CA LEU D 190 37.57 -19.43 -26.57
C LEU D 190 36.67 -18.57 -27.46
N ILE D 191 35.37 -18.61 -27.19
CA ILE D 191 34.36 -17.98 -28.02
C ILE D 191 33.55 -17.01 -27.13
N THR D 192 33.28 -15.82 -27.66
CA THR D 192 32.53 -14.80 -26.94
C THR D 192 31.74 -13.95 -27.94
N PRO D 193 30.53 -13.51 -27.56
CA PRO D 193 29.79 -12.55 -28.38
C PRO D 193 30.61 -11.34 -28.84
N SER D 194 30.54 -11.06 -30.14
CA SER D 194 31.16 -9.88 -30.76
C SER D 194 30.43 -8.60 -30.37
N LEU D 195 31.10 -7.46 -30.53
CA LEU D 195 30.48 -6.18 -30.30
C LEU D 195 29.29 -6.01 -31.27
N ASP D 196 29.39 -6.52 -32.50
CA ASP D 196 28.26 -6.54 -33.46
C ASP D 196 26.99 -7.28 -33.00
N SER D 197 27.09 -8.16 -32.01
CA SER D 197 25.94 -8.82 -31.40
C SER D 197 25.07 -7.83 -30.63
N GLY D 198 25.63 -6.68 -30.24
CA GLY D 198 24.92 -5.63 -29.51
C GLY D 198 25.03 -5.87 -28.03
N ILE D 199 26.17 -5.50 -27.47
CA ILE D 199 26.50 -5.81 -26.09
C ILE D 199 27.12 -4.64 -25.31
N LEU D 200 27.04 -4.75 -24.00
CA LEU D 200 27.76 -3.89 -23.07
C LEU D 200 29.11 -4.58 -22.87
N ASP D 201 30.14 -4.09 -23.54
CA ASP D 201 31.47 -4.71 -23.47
C ASP D 201 32.34 -4.20 -22.31
N GLY D 202 32.57 -5.08 -21.36
CA GLY D 202 33.32 -4.76 -20.18
C GLY D 202 34.82 -4.81 -20.38
N ILE D 203 35.52 -4.16 -19.45
CA ILE D 203 36.97 -4.11 -19.42
C ILE D 203 37.56 -5.46 -19.04
N THR D 204 36.88 -6.22 -18.17
CA THR D 204 37.32 -7.55 -17.81
C THR D 204 37.32 -8.47 -19.04
N ARG D 205 36.24 -8.43 -19.82
CA ARG D 205 36.15 -9.16 -21.11
C ARG D 205 37.35 -8.87 -22.01
N GLU D 206 37.66 -7.58 -22.16
CA GLU D 206 38.75 -7.10 -23.02
C GLU D 206 40.08 -7.69 -22.52
N ASN D 207 40.26 -7.65 -21.21
CA ASN D 207 41.48 -8.16 -20.57
C ASN D 207 41.61 -9.66 -20.70
N VAL D 208 40.49 -10.37 -20.60
CA VAL D 208 40.49 -11.83 -20.76
C VAL D 208 40.82 -12.24 -22.19
N ILE D 209 40.28 -11.53 -23.18
CA ILE D 209 40.63 -11.78 -24.58
C ILE D 209 42.16 -11.61 -24.80
N LYS D 210 42.75 -10.58 -24.19
CA LYS D 210 44.18 -10.33 -24.31
C LYS D 210 45.02 -11.42 -23.63
N LEU D 211 44.57 -11.83 -22.45
CA LEU D 211 45.20 -12.94 -21.72
C LEU D 211 45.19 -14.22 -22.54
N ALA D 212 44.01 -14.56 -23.06
CA ALA D 212 43.81 -15.71 -23.91
C ALA D 212 44.82 -15.73 -25.05
N LYS D 213 44.92 -14.63 -25.79
CA LYS D 213 45.86 -14.55 -26.92
C LYS D 213 47.34 -14.65 -26.50
N SER D 214 47.67 -14.15 -25.30
CA SER D 214 49.05 -14.29 -24.80
C SER D 214 49.37 -15.73 -24.42
N LEU D 215 48.35 -16.55 -24.14
CA LEU D 215 48.55 -17.96 -23.83
C LEU D 215 48.36 -18.82 -25.06
N GLU D 216 48.24 -18.16 -26.22
CA GLU D 216 48.00 -18.82 -27.50
C GLU D 216 46.73 -19.67 -27.52
N ILE D 217 45.72 -19.27 -26.75
CA ILE D 217 44.40 -19.91 -26.81
C ILE D 217 43.65 -19.22 -27.97
N PRO D 218 43.12 -20.00 -28.94
CA PRO D 218 42.40 -19.33 -30.04
C PRO D 218 41.13 -18.61 -29.57
N VAL D 219 40.90 -17.39 -30.07
CA VAL D 219 39.75 -16.59 -29.68
C VAL D 219 38.86 -16.26 -30.89
N GLU D 220 37.54 -16.46 -30.73
CA GLU D 220 36.57 -16.02 -31.72
C GLU D 220 35.58 -15.05 -31.04
N GLU D 221 35.57 -13.81 -31.52
CA GLU D 221 34.56 -12.82 -31.18
C GLU D 221 33.59 -12.87 -32.37
N ARG D 222 32.37 -13.35 -32.13
CA ARG D 222 31.41 -13.56 -33.19
C ARG D 222 29.99 -13.64 -32.68
N VAL D 223 29.05 -13.81 -33.59
CA VAL D 223 27.68 -14.08 -33.16
C VAL D 223 27.64 -15.51 -32.59
N VAL D 224 27.17 -15.64 -31.35
CA VAL D 224 27.01 -16.93 -30.66
C VAL D 224 25.51 -17.15 -30.46
N TRP D 225 24.97 -18.25 -30.98
CA TRP D 225 23.55 -18.57 -30.78
C TRP D 225 23.34 -19.28 -29.45
N VAL D 226 22.20 -19.05 -28.81
CA VAL D 226 21.91 -19.62 -27.49
C VAL D 226 22.17 -21.12 -27.34
N TRP D 227 21.79 -21.93 -28.36
CA TRP D 227 21.95 -23.37 -28.28
C TRP D 227 23.42 -23.81 -28.17
N GLU D 228 24.35 -22.99 -28.64
CA GLU D 228 25.79 -23.28 -28.49
C GLU D 228 26.23 -23.32 -27.01
N LEU D 229 25.55 -22.62 -26.13
CA LEU D 229 25.84 -22.64 -24.69
C LEU D 229 25.54 -24.02 -24.11
N PHE D 230 24.45 -24.63 -24.59
CA PHE D 230 24.05 -25.95 -24.17
C PHE D 230 24.91 -27.05 -24.80
N GLU D 231 25.81 -26.71 -25.72
CA GLU D 231 26.73 -27.69 -26.32
C GLU D 231 28.22 -27.43 -26.02
N ALA D 232 28.51 -26.37 -25.27
CA ALA D 232 29.87 -25.96 -24.90
C ALA D 232 30.53 -26.95 -23.95
N ASP D 233 31.86 -27.00 -24.02
CA ASP D 233 32.66 -27.83 -23.12
C ASP D 233 32.77 -27.11 -21.78
N GLU D 234 32.92 -25.79 -21.84
CA GLU D 234 32.99 -24.94 -20.64
C GLU D 234 32.23 -23.63 -20.86
N MSE D 235 31.86 -22.99 -19.77
CA MSE D 235 31.27 -21.67 -19.82
C MSE D 235 31.77 -20.86 -18.61
O MSE D 235 32.02 -21.41 -17.55
CB MSE D 235 29.73 -21.80 -19.82
CG MSE D 235 28.94 -20.47 -19.93
SE MSE D 235 27.05 -20.76 -19.94
CE MSE D 235 26.57 -18.85 -19.84
N PHE D 236 31.99 -19.57 -18.81
CA PHE D 236 32.33 -18.71 -17.69
C PHE D 236 31.85 -17.27 -17.90
N LEU D 237 31.78 -16.51 -16.81
CA LEU D 237 31.36 -15.11 -16.83
C LEU D 237 32.55 -14.21 -16.48
N THR D 238 32.55 -12.98 -16.99
CA THR D 238 33.54 -11.96 -16.59
C THR D 238 32.85 -10.73 -16.05
N HIS D 239 33.31 -10.24 -14.90
CA HIS D 239 32.91 -8.93 -14.39
C HIS D 239 33.99 -8.34 -13.47
N THR D 240 33.91 -7.02 -13.25
CA THR D 240 34.95 -6.27 -12.57
C THR D 240 35.36 -6.82 -11.22
N SER D 241 34.38 -7.06 -10.34
CA SER D 241 34.70 -7.41 -8.97
C SER D 241 35.31 -8.76 -8.81
N ALA D 242 34.87 -9.73 -9.61
CA ALA D 242 35.33 -11.13 -9.46
C ALA D 242 36.31 -11.62 -10.53
N GLY D 243 36.46 -10.92 -11.65
CA GLY D 243 37.30 -11.41 -12.74
C GLY D 243 36.58 -12.53 -13.50
N VAL D 244 37.18 -13.71 -13.53
CA VAL D 244 36.69 -14.92 -14.22
C VAL D 244 35.89 -15.83 -13.27
N VAL D 245 34.63 -16.08 -13.63
CA VAL D 245 33.69 -16.83 -12.80
C VAL D 245 33.17 -18.05 -13.57
N PRO D 246 33.60 -19.27 -13.16
CA PRO D 246 33.19 -20.47 -13.87
C PRO D 246 31.71 -20.76 -13.73
N VAL D 247 31.09 -21.20 -14.81
CA VAL D 247 29.71 -21.66 -14.76
C VAL D 247 29.67 -23.19 -14.69
N ARG D 248 29.15 -23.67 -13.56
CA ARG D 248 28.95 -25.09 -13.31
C ARG D 248 27.68 -25.63 -13.98
N ARG D 249 26.68 -24.75 -14.13
CA ARG D 249 25.36 -25.16 -14.56
C ARG D 249 24.58 -24.00 -15.19
N LEU D 250 23.98 -24.26 -16.36
CA LEU D 250 23.13 -23.32 -17.10
C LEU D 250 21.74 -23.97 -17.15
N ASN D 251 20.75 -23.36 -16.49
CA ASN D 251 19.40 -23.94 -16.35
C ASN D 251 19.56 -25.30 -15.64
N GLU D 252 19.13 -26.41 -16.24
CA GLU D 252 19.36 -27.71 -15.64
C GLU D 252 20.54 -28.42 -16.32
N HIS D 253 21.36 -27.72 -17.11
CA HIS D 253 22.48 -28.33 -17.83
C HIS D 253 23.82 -28.12 -17.10
N SER D 254 24.39 -29.21 -16.60
CA SER D 254 25.68 -29.18 -15.91
C SER D 254 26.87 -29.21 -16.85
N PHE D 255 27.83 -28.34 -16.61
CA PHE D 255 29.08 -28.39 -17.35
C PHE D 255 30.12 -29.24 -16.58
N PHE D 256 30.04 -29.23 -15.25
CA PHE D 256 30.98 -29.95 -14.38
C PHE D 256 30.39 -30.07 -12.99
N GLU D 257 30.89 -31.02 -12.20
CA GLU D 257 30.41 -31.23 -10.82
C GLU D 257 31.24 -30.47 -9.79
N GLU D 258 32.56 -30.63 -9.87
CA GLU D 258 33.50 -30.10 -8.87
C GLU D 258 34.54 -29.12 -9.41
N GLU D 259 35.30 -29.54 -10.42
CA GLU D 259 36.40 -28.70 -10.92
C GLU D 259 36.03 -28.01 -12.25
N PRO D 260 36.33 -26.70 -12.39
CA PRO D 260 36.16 -26.01 -13.67
C PRO D 260 36.95 -26.65 -14.80
N GLY D 261 36.53 -26.39 -16.04
CA GLY D 261 37.24 -26.94 -17.18
C GLY D 261 38.66 -26.40 -17.26
N PRO D 262 39.52 -27.07 -18.05
CA PRO D 262 40.93 -26.68 -18.15
C PRO D 262 41.23 -25.27 -18.68
N VAL D 263 40.50 -24.83 -19.71
CA VAL D 263 40.73 -23.51 -20.29
C VAL D 263 40.30 -22.42 -19.30
N THR D 264 39.11 -22.58 -18.72
CA THR D 264 38.64 -21.69 -17.66
C THR D 264 39.64 -21.65 -16.49
N ALA D 265 40.14 -22.80 -16.04
CA ALA D 265 41.12 -22.86 -14.94
C ALA D 265 42.42 -22.10 -15.24
N THR D 266 43.00 -22.29 -16.42
CA THR D 266 44.22 -21.55 -16.80
C THR D 266 43.99 -20.06 -16.84
N LEU D 267 42.86 -19.65 -17.40
CA LEU D 267 42.56 -18.23 -17.47
C LEU D 267 42.37 -17.68 -16.06
N MSE D 268 41.64 -18.38 -15.19
CA MSE D 268 41.37 -17.78 -13.89
C MSE D 268 42.58 -17.73 -12.96
O MSE D 268 42.67 -16.83 -12.13
CB MSE D 268 40.09 -18.29 -13.21
CG MSE D 268 40.14 -19.59 -12.57
SE MSE D 268 38.32 -20.13 -12.05
CE MSE D 268 38.15 -19.26 -10.60
N GLU D 269 43.55 -18.62 -13.17
CA GLU D 269 44.75 -18.59 -12.35
C GLU D 269 45.81 -17.62 -12.93
N ASN D 270 45.82 -17.42 -14.24
CA ASN D 270 46.69 -16.41 -14.82
C ASN D 270 46.09 -15.00 -14.82
N PHE D 271 44.82 -14.84 -14.45
CA PHE D 271 44.12 -13.55 -14.62
C PHE D 271 44.77 -12.38 -13.86
N GLU D 272 44.90 -12.54 -12.55
CA GLU D 272 45.43 -11.48 -11.70
C GLU D 272 46.91 -11.17 -12.01
N PRO D 273 47.80 -12.18 -12.06
CA PRO D 273 49.16 -11.90 -12.53
C PRO D 273 49.23 -11.14 -13.86
N PHE D 274 48.40 -11.51 -14.83
CA PHE D 274 48.41 -10.88 -16.15
C PHE D 274 47.91 -9.42 -16.12
N VAL D 275 46.77 -9.16 -15.50
CA VAL D 275 46.17 -7.81 -15.51
C VAL D 275 46.91 -6.82 -14.62
N LEU D 276 47.42 -7.30 -13.48
CA LEU D 276 48.20 -6.44 -12.62
C LEU D 276 49.51 -6.00 -13.29
N ASN D 277 50.04 -6.80 -14.20
CA ASN D 277 51.29 -6.48 -14.92
C ASN D 277 51.11 -5.86 -16.31
N LEU D 278 49.88 -5.60 -16.74
CA LEU D 278 49.64 -4.98 -18.02
C LEU D 278 49.57 -3.46 -17.81
N GLU D 279 50.54 -2.74 -18.37
CA GLU D 279 50.71 -1.31 -18.07
C GLU D 279 49.50 -0.47 -18.49
N GLU D 280 48.82 -0.86 -19.56
CA GLU D 280 47.63 -0.11 -20.02
C GLU D 280 46.48 -0.02 -18.99
N ASN D 281 46.49 -0.93 -18.01
CA ASN D 281 45.52 -0.96 -16.91
C ASN D 281 45.88 -0.04 -15.75
N TRP D 282 47.06 0.60 -15.83
CA TRP D 282 47.61 1.45 -14.73
C TRP D 282 48.02 2.87 -15.11
N VAL D 283 47.79 3.28 -16.35
CA VAL D 283 48.08 4.61 -16.83
C VAL D 283 47.57 5.70 -15.87
N GLY D 284 48.50 6.49 -15.33
CA GLY D 284 48.16 7.62 -14.48
C GLY D 284 47.96 7.32 -13.01
N ILE D 285 48.32 6.11 -12.59
CA ILE D 285 48.16 5.70 -11.22
C ILE D 285 49.53 5.56 -10.60
N1 PLP E . -7.36 9.32 24.13
C2 PLP E . -7.38 8.15 23.38
C2A PLP E . -8.60 7.88 22.56
C3 PLP E . -6.28 7.28 23.41
O3 PLP E . -6.23 6.16 22.62
C4 PLP E . -5.15 7.60 24.21
C4A PLP E . -3.93 6.72 24.22
O4A PLP E . -3.08 6.83 23.32
C5 PLP E . -5.15 8.79 24.96
C6 PLP E . -6.26 9.63 24.91
C5A PLP E . -3.90 9.29 25.65
O4P PLP E . -3.75 8.65 26.91
P PLP E . -2.29 8.48 27.63
O1P PLP E . -2.42 7.50 28.81
O2P PLP E . -1.83 9.81 28.14
O3P PLP E . -1.37 7.95 26.55
O1 UNL F . 0.23 6.53 23.03
O2 UNL F . 1.45 7.90 22.58
O3 UNL F . 2.09 5.49 22.57
O4 UNL F . 1.10 6.35 20.79
C1 CIT G . -12.26 5.22 5.48
O1 CIT G . -11.22 5.16 6.15
O2 CIT G . -12.23 4.77 4.34
C2 CIT G . -13.55 5.78 6.01
C3 CIT G . -13.41 7.16 6.61
O7 CIT G . -12.98 8.08 5.59
C4 CIT G . -14.78 7.61 7.13
C5 CIT G . -14.69 8.99 7.73
O3 CIT G . -14.00 9.21 8.76
O4 CIT G . -15.31 9.94 7.22
C6 CIT G . -12.42 7.19 7.77
O5 CIT G . -12.69 6.60 8.85
O6 CIT G . -11.34 7.81 7.68
C1 MPD H . -23.10 17.19 29.71
C2 MPD H . -23.08 16.77 28.25
O2 MPD H . -24.26 17.38 27.70
CM MPD H . -21.89 17.30 27.48
C3 MPD H . -23.16 15.27 28.05
C4 MPD H . -22.34 14.44 29.05
O4 MPD H . -21.69 13.39 28.36
C5 MPD H . -21.30 15.24 29.83
C1 MPD I . -23.83 0.65 29.42
C2 MPD I . -22.49 0.13 28.89
O2 MPD I . -21.46 1.13 29.17
CM MPD I . -22.56 -0.06 27.37
C3 MPD I . -22.08 -1.17 29.60
C4 MPD I . -22.82 -2.44 29.14
O4 MPD I . -21.89 -3.40 28.69
C5 MPD I . -23.69 -3.05 30.25
CL CL J . -33.05 -20.26 24.81
CL CL K . -30.25 0.19 28.15
O1 UNL L . -25.93 -17.33 11.40
O2 UNL L . -23.88 -17.70 12.34
C1 CIT M . -28.88 7.17 16.23
O1 CIT M . -29.18 6.43 17.23
O2 CIT M . -28.09 6.86 15.30
C2 CIT M . -29.51 8.52 16.09
C3 CIT M . -28.49 9.60 16.39
O7 CIT M . -27.91 9.31 17.71
C4 CIT M . -29.30 10.89 16.47
C5 CIT M . -28.44 12.08 16.79
O3 CIT M . -27.49 11.97 17.62
O4 CIT M . -28.73 13.16 16.19
C6 CIT M . -27.37 9.71 15.30
O5 CIT M . -26.17 9.67 15.59
O6 CIT M . -27.63 9.86 14.07
C1 MPD N . -13.19 0.35 -3.63
C2 MPD N . -13.92 0.63 -4.93
O2 MPD N . -15.29 0.91 -4.64
CM MPD N . -13.32 1.81 -5.68
C3 MPD N . -13.86 -0.65 -5.73
C4 MPD N . -14.51 -0.50 -7.09
O4 MPD N . -14.31 -1.75 -7.70
C5 MPD N . -15.99 -0.10 -7.03
C1 MPD O . -17.89 9.02 9.51
C2 MPD O . -19.19 8.45 10.08
O2 MPD O . -19.51 7.28 9.32
CM MPD O . -19.01 7.98 11.51
C3 MPD O . -20.34 9.47 10.07
C4 MPD O . -20.32 10.45 8.91
CL CL P . 20.38 12.46 -27.11
N1 PLP Q . 1.77 6.98 -23.75
C2 PLP Q . 2.87 7.17 -22.92
C2A PLP Q . 4.18 6.61 -23.39
C3 PLP Q . 2.70 7.86 -21.67
O3 PLP Q . 3.76 8.08 -20.81
C4 PLP Q . 1.43 8.36 -21.30
C4A PLP Q . 1.22 9.13 -20.02
O4A PLP Q . 1.48 10.35 -19.95
C5 PLP Q . 0.32 8.15 -22.17
C6 PLP Q . 0.51 7.46 -23.38
C5A PLP Q . -0.99 8.86 -21.91
O4P PLP Q . -1.75 8.14 -20.95
P PLP Q . -2.94 8.86 -20.08
O1P PLP Q . -3.38 7.85 -18.99
O2P PLP Q . -4.14 9.22 -20.98
O3P PLP Q . -2.30 10.12 -19.51
O1 UNL R . 3.25 14.05 -17.75
O2 UNL R . -0.41 14.65 -19.34
O3 UNL R . 0.07 13.18 -18.48
O4 UNL R . 0.96 14.83 -17.62
C1 MPD S . -17.82 17.46 -8.79
C2 MPD S . -17.10 16.35 -9.57
O2 MPD S . -18.05 15.65 -10.40
CM MPD S . -16.05 16.97 -10.48
C3 MPD S . -16.46 15.31 -8.64
C4 MPD S . -17.48 14.36 -7.98
O4 MPD S . -16.76 13.34 -7.32
C5 MPD S . -18.37 15.08 -6.97
C1 MPD T . 1.22 -6.85 -35.43
C2 MPD T . 2.55 -6.14 -35.63
O2 MPD T . 3.16 -6.78 -36.77
CM MPD T . 2.34 -4.66 -35.96
C3 MPD T . 3.51 -6.32 -34.45
C4 MPD T . 2.93 -5.74 -33.16
O4 MPD T . 1.68 -6.35 -32.92
C5 MPD T . 3.86 -5.96 -31.94
CL CL U . 25.04 -19.86 -7.93
O1 UNL V . 31.55 -6.40 -11.05
O2 UNL V . 30.91 -4.38 -11.35
O3 UNL V . 30.28 -4.08 -8.88
O4 UNL V . 30.90 -6.49 -9.36
O5 UNL V . 27.73 -4.09 -11.53
O6 UNL V . 29.22 -5.20 -10.47
C1 CIT W . 15.89 -4.74 -36.78
O1 CIT W . 16.12 -4.50 -38.00
O2 CIT W . 14.85 -4.36 -36.14
C2 CIT W . 16.95 -5.54 -36.06
C3 CIT W . 17.19 -5.03 -34.64
O7 CIT W . 15.96 -5.16 -33.86
C4 CIT W . 18.30 -5.95 -34.12
C5 CIT W . 18.58 -5.70 -32.67
O3 CIT W . 18.27 -6.60 -31.85
O4 CIT W . 19.15 -4.61 -32.35
C6 CIT W . 17.64 -3.56 -34.61
O5 CIT W . 18.65 -3.16 -35.23
O6 CIT W . 17.00 -2.73 -33.94
C1 MPD X . 17.73 4.80 -30.64
C2 MPD X . 18.84 5.64 -31.26
O2 MPD X . 20.09 4.94 -31.12
CM MPD X . 18.59 5.80 -32.73
C3 MPD X . 19.02 6.89 -30.40
C4 MPD X . 19.21 8.22 -31.11
O4 MPD X . 18.12 9.03 -30.75
C5 MPD X . 20.53 8.88 -30.70
#